data_5ZFQ
#
_entry.id   5ZFQ
#
_cell.length_a   181.760
_cell.length_b   181.760
_cell.length_c   123.570
_cell.angle_alpha   90.000
_cell.angle_beta   90.000
_cell.angle_gamma   120.000
#
_symmetry.space_group_name_H-M   'H 3 2'
#
loop_
_entity.id
_entity.type
_entity.pdbx_description
1 polymer 'Twitching motility pilus retraction protein'
2 water water
#
_entity_poly.entity_id   1
_entity_poly.type   'polypeptide(L)'
_entity_poly.pdbx_seq_one_letter_code
;MDHHHHHHSSGVDLGTENLYFQSASMANMHQLLTELVNRGGSDLHITTNSPPQIRVDGQLIPLEMPPLNAVDTKQLCYSI
LTEQQKHKFEEANELDLSFGIKGLSRFRGNVFIQRGAVAGVFRVIPYKILTFEELGLPVVVKELAEKPRGLILVTGPTGS
GKSTTLAAIIDKINTERHDHIVTIEDPIEYLHPHKSCVVNQREVGADTKSFKNALKYILRQDPDVVLVGELRDLETIEAA
LTLAETGHLCLATLHTNSAVQTINRIVDVFPPYQQPQVRAQLSFVLEGVMSQTLLPNVSGKGRVLALEVMVPNPAIRNLI
REDKIHQIYSQMQVGQEKFGMQTMNQSLFSLLQKRRISLDVAMARSSDPDELKQMLASAQRPPGQRPQMR
;
_entity_poly.pdbx_strand_id   A,B
#
# COMPACT_ATOMS: atom_id res chain seq x y z
N LEU A 19 31.90 -17.50 -5.95
CA LEU A 19 31.28 -16.58 -6.92
C LEU A 19 30.33 -17.32 -7.87
N TYR A 20 29.14 -16.75 -8.05
CA TYR A 20 28.05 -17.43 -8.76
C TYR A 20 27.90 -16.87 -10.17
N PHE A 21 27.41 -17.68 -11.11
CA PHE A 21 27.15 -17.20 -12.45
C PHE A 21 25.66 -16.99 -12.74
N GLN A 22 25.36 -16.43 -13.90
CA GLN A 22 23.97 -16.31 -14.33
C GLN A 22 23.48 -17.65 -14.89
N SER A 23 22.18 -17.75 -15.16
CA SER A 23 21.61 -19.01 -15.62
C SER A 23 22.17 -19.32 -16.99
N ALA A 24 22.16 -20.60 -17.36
CA ALA A 24 22.68 -21.03 -18.64
C ALA A 24 21.84 -20.43 -19.77
N SER A 25 22.52 -19.94 -20.81
CA SER A 25 21.91 -19.39 -22.01
C SER A 25 20.76 -18.44 -21.64
N MET A 26 21.05 -17.52 -20.72
CA MET A 26 20.02 -16.64 -20.21
C MET A 26 19.64 -15.58 -21.23
N ALA A 27 18.33 -15.42 -21.45
CA ALA A 27 17.82 -14.37 -22.32
C ALA A 27 18.10 -12.96 -21.77
N ASN A 28 18.27 -11.98 -22.65
CA ASN A 28 18.52 -10.62 -22.21
C ASN A 28 17.21 -9.85 -22.20
N MET A 29 17.24 -8.62 -21.69
CA MET A 29 16.02 -7.83 -21.50
C MET A 29 15.34 -7.48 -22.84
N HIS A 30 16.14 -7.31 -23.88
CA HIS A 30 15.59 -7.03 -25.19
C HIS A 30 14.65 -8.16 -25.60
N GLN A 31 15.17 -9.39 -25.58
CA GLN A 31 14.35 -10.60 -25.75
C GLN A 31 13.13 -10.61 -24.84
N LEU A 32 13.33 -10.31 -23.57
CA LEU A 32 12.25 -10.42 -22.59
C LEU A 32 11.14 -9.38 -22.86
N LEU A 33 11.52 -8.16 -23.18
CA LEU A 33 10.54 -7.10 -23.39
C LEU A 33 9.87 -7.30 -24.72
N THR A 34 10.64 -7.77 -25.70
CA THR A 34 10.11 -8.07 -27.01
C THR A 34 9.02 -9.09 -26.81
N GLU A 35 9.34 -10.14 -26.07
CA GLU A 35 8.38 -11.17 -25.71
C GLU A 35 7.13 -10.56 -25.06
N LEU A 36 7.35 -9.70 -24.07
CA LEU A 36 6.27 -8.99 -23.38
C LEU A 36 5.33 -8.29 -24.35
N VAL A 37 5.89 -7.47 -25.23
CA VAL A 37 5.08 -6.67 -26.13
C VAL A 37 4.34 -7.55 -27.14
N ASN A 38 5.07 -8.46 -27.79
CA ASN A 38 4.49 -9.40 -28.75
C ASN A 38 3.26 -10.12 -28.21
N ARG A 39 3.28 -10.46 -26.93
CA ARG A 39 2.20 -11.25 -26.36
C ARG A 39 1.08 -10.41 -25.76
N GLY A 40 1.11 -9.11 -26.04
CA GLY A 40 0.07 -8.20 -25.58
C GLY A 40 0.09 -8.07 -24.07
N GLY A 41 1.29 -8.12 -23.50
CA GLY A 41 1.44 -8.00 -22.06
C GLY A 41 1.57 -6.56 -21.62
N SER A 42 1.37 -6.32 -20.32
CA SER A 42 1.49 -4.96 -19.78
C SER A 42 2.66 -4.87 -18.81
N ASP A 43 2.88 -5.94 -18.04
CA ASP A 43 3.86 -5.91 -16.96
C ASP A 43 4.83 -7.09 -17.01
N LEU A 44 6.11 -6.80 -16.84
CA LEU A 44 7.13 -7.85 -16.80
C LEU A 44 7.77 -7.88 -15.40
N HIS A 45 7.80 -9.06 -14.79
CA HIS A 45 8.36 -9.15 -13.45
C HIS A 45 9.65 -9.94 -13.45
N ILE A 46 10.67 -9.33 -12.86
CA ILE A 46 12.00 -9.93 -12.76
C ILE A 46 12.37 -10.08 -11.29
N THR A 47 12.20 -11.28 -10.76
CA THR A 47 12.51 -11.50 -9.37
C THR A 47 13.06 -12.91 -9.23
N THR A 48 13.80 -13.16 -8.17
CA THR A 48 14.49 -14.45 -8.00
C THR A 48 13.57 -15.62 -7.66
N ASN A 49 14.00 -16.83 -8.04
CA ASN A 49 13.33 -18.11 -7.75
C ASN A 49 12.02 -18.23 -8.50
N SER A 50 11.87 -17.38 -9.50
CA SER A 50 10.73 -17.41 -10.39
C SER A 50 11.24 -17.17 -11.80
N PRO A 51 10.65 -17.85 -12.79
CA PRO A 51 10.92 -17.43 -14.17
C PRO A 51 10.42 -16.01 -14.36
N PRO A 52 10.94 -15.31 -15.37
CA PRO A 52 10.30 -14.05 -15.70
C PRO A 52 8.79 -14.25 -15.85
N GLN A 53 8.02 -13.34 -15.29
CA GLN A 53 6.57 -13.40 -15.41
C GLN A 53 6.06 -12.19 -16.19
N ILE A 54 5.13 -12.41 -17.11
CA ILE A 54 4.44 -11.28 -17.74
C ILE A 54 2.96 -11.28 -17.35
N ARG A 55 2.34 -10.10 -17.37
CA ARG A 55 0.93 -9.99 -17.06
C ARG A 55 0.18 -9.70 -18.36
N VAL A 56 -0.82 -10.52 -18.66
CA VAL A 56 -1.59 -10.37 -19.89
C VAL A 56 -3.09 -10.28 -19.61
N ASP A 57 -3.68 -9.13 -19.93
CA ASP A 57 -5.10 -8.89 -19.63
C ASP A 57 -5.45 -9.22 -18.19
N GLY A 58 -4.54 -8.92 -17.26
CA GLY A 58 -4.76 -9.16 -15.84
C GLY A 58 -4.00 -10.33 -15.24
N GLN A 59 -3.72 -11.34 -16.06
CA GLN A 59 -3.20 -12.61 -15.57
C GLN A 59 -1.67 -12.71 -15.57
N LEU A 60 -1.08 -13.04 -14.42
CA LEU A 60 0.33 -13.36 -14.38
C LEU A 60 0.57 -14.70 -15.06
N ILE A 61 1.60 -14.72 -15.89
CA ILE A 61 1.94 -15.87 -16.71
C ILE A 61 3.44 -16.05 -16.70
N PRO A 62 3.91 -17.18 -16.16
CA PRO A 62 5.35 -17.46 -16.20
C PRO A 62 5.85 -17.76 -17.62
N LEU A 63 7.02 -17.23 -18.00
CA LEU A 63 7.63 -17.61 -19.29
C LEU A 63 8.24 -19.04 -19.26
N GLU A 64 8.37 -19.64 -20.43
CA GLU A 64 8.91 -21.00 -20.50
C GLU A 64 10.45 -20.98 -20.42
N MET A 65 10.98 -20.62 -19.25
CA MET A 65 12.43 -20.62 -18.99
C MET A 65 12.67 -20.90 -17.50
N PRO A 66 13.91 -21.28 -17.11
CA PRO A 66 14.18 -21.64 -15.71
C PRO A 66 14.03 -20.47 -14.75
N PRO A 67 13.93 -20.75 -13.44
CA PRO A 67 13.86 -19.62 -12.49
C PRO A 67 15.12 -18.74 -12.55
N LEU A 68 14.94 -17.46 -12.24
CA LEU A 68 16.07 -16.54 -12.16
C LEU A 68 16.84 -16.68 -10.84
N ASN A 69 18.17 -16.58 -10.88
CA ASN A 69 18.92 -16.40 -9.63
C ASN A 69 19.27 -14.91 -9.42
N ALA A 70 19.94 -14.61 -8.30
CA ALA A 70 20.27 -13.24 -7.91
C ALA A 70 21.14 -12.52 -8.95
N VAL A 71 22.00 -13.27 -9.64
CA VAL A 71 22.89 -12.68 -10.62
C VAL A 71 22.07 -12.25 -11.84
N ASP A 72 21.17 -13.15 -12.24
CA ASP A 72 20.20 -12.90 -13.31
C ASP A 72 19.45 -11.60 -13.12
N THR A 73 18.90 -11.39 -11.94
CA THR A 73 18.01 -10.25 -11.76
C THR A 73 18.83 -8.95 -11.76
N LYS A 74 19.97 -8.98 -11.10
CA LYS A 74 20.87 -7.86 -11.14
C LYS A 74 21.33 -7.54 -12.56
N GLN A 75 21.74 -8.52 -13.34
CA GLN A 75 22.19 -8.27 -14.69
C GLN A 75 21.12 -7.75 -15.57
N LEU A 76 19.98 -8.39 -15.52
CA LEU A 76 18.86 -7.97 -16.33
C LEU A 76 18.40 -6.54 -16.00
N CYS A 77 18.22 -6.23 -14.72
CA CYS A 77 17.76 -4.90 -14.38
C CYS A 77 18.87 -3.86 -14.61
N TYR A 78 20.14 -4.28 -14.52
CA TYR A 78 21.21 -3.32 -14.74
C TYR A 78 21.39 -3.00 -16.22
N SER A 79 20.98 -3.92 -17.08
CA SER A 79 21.22 -3.78 -18.50
C SER A 79 20.39 -2.67 -19.14
N ILE A 80 19.32 -2.23 -18.47
CA ILE A 80 18.58 -1.07 -18.98
C ILE A 80 18.88 0.22 -18.23
N LEU A 81 20.09 0.31 -17.66
CA LEU A 81 20.49 1.42 -16.82
C LEU A 81 21.80 2.08 -17.26
N THR A 82 21.83 3.39 -17.09
CA THR A 82 23.02 4.19 -17.20
C THR A 82 23.82 4.07 -15.91
N GLU A 83 25.05 4.53 -15.93
CA GLU A 83 25.88 4.42 -14.75
C GLU A 83 25.36 5.28 -13.61
N GLN A 84 24.79 6.44 -13.92
CA GLN A 84 24.29 7.33 -12.87
C GLN A 84 23.07 6.68 -12.21
N GLN A 85 22.25 6.01 -13.02
CA GLN A 85 21.07 5.35 -12.49
C GLN A 85 21.49 4.20 -11.58
N LYS A 86 22.55 3.48 -11.95
CA LYS A 86 23.09 2.43 -11.12
C LYS A 86 23.56 2.97 -9.78
N HIS A 87 24.39 4.01 -9.82
CA HIS A 87 24.88 4.63 -8.59
CA HIS A 87 24.88 4.64 -8.59
C HIS A 87 23.71 5.16 -7.76
N LYS A 88 22.71 5.75 -8.43
CA LYS A 88 21.56 6.27 -7.72
C LYS A 88 20.84 5.12 -6.99
N PHE A 89 20.65 4.01 -7.69
CA PHE A 89 20.03 2.80 -7.12
C PHE A 89 20.82 2.15 -5.96
N GLU A 90 22.13 2.07 -6.07
CA GLU A 90 22.94 1.42 -5.04
C GLU A 90 23.00 2.23 -3.76
N GLU A 91 22.82 3.55 -3.87
CA GLU A 91 22.74 4.40 -2.69
C GLU A 91 21.35 4.33 -2.05
N ALA A 92 20.32 4.16 -2.89
CA ALA A 92 18.94 4.35 -2.49
C ALA A 92 18.15 3.07 -2.25
N ASN A 93 18.57 1.99 -2.91
CA ASN A 93 17.82 0.72 -3.01
C ASN A 93 16.45 0.92 -3.64
N GLU A 94 16.33 1.99 -4.41
CA GLU A 94 15.12 2.34 -5.13
C GLU A 94 15.48 3.16 -6.36
N LEU A 95 14.97 2.74 -7.51
CA LEU A 95 15.14 3.49 -8.75
C LEU A 95 13.90 3.32 -9.62
N ASP A 96 13.40 4.43 -10.17
CA ASP A 96 12.24 4.35 -11.05
C ASP A 96 12.52 5.19 -12.28
N LEU A 97 12.38 4.62 -13.46
CA LEU A 97 12.72 5.38 -14.68
C LEU A 97 11.83 5.05 -15.88
N SER A 98 12.05 5.77 -16.98
CA SER A 98 11.53 5.40 -18.28
C SER A 98 12.68 5.18 -19.27
N PHE A 99 12.42 4.37 -20.29
CA PHE A 99 13.40 4.14 -21.35
C PHE A 99 12.69 3.61 -22.59
N GLY A 100 13.42 3.60 -23.71
CA GLY A 100 12.93 3.04 -24.95
C GLY A 100 13.85 2.01 -25.58
N ILE A 101 13.24 0.98 -26.18
CA ILE A 101 13.94 0.06 -27.05
C ILE A 101 13.52 0.49 -28.44
N LYS A 102 14.48 0.92 -29.26
CA LYS A 102 14.20 1.35 -30.63
C LYS A 102 13.51 0.23 -31.41
N GLY A 103 12.42 0.57 -32.10
CA GLY A 103 11.69 -0.41 -32.88
C GLY A 103 10.69 -1.25 -32.10
N LEU A 104 10.68 -1.09 -30.77
CA LEU A 104 9.76 -1.86 -29.94
C LEU A 104 8.81 -0.94 -29.16
N SER A 105 9.26 -0.39 -28.05
CA SER A 105 8.37 0.43 -27.24
C SER A 105 9.10 1.27 -26.21
N ARG A 106 8.38 2.23 -25.63
CA ARG A 106 8.83 2.95 -24.44
C ARG A 106 8.38 2.14 -23.23
N PHE A 107 9.22 2.07 -22.20
CA PHE A 107 8.84 1.36 -20.99
C PHE A 107 9.02 2.22 -19.76
N ARG A 108 8.29 1.90 -18.70
CA ARG A 108 8.68 2.33 -17.36
C ARG A 108 9.32 1.14 -16.66
N GLY A 109 10.37 1.40 -15.89
CA GLY A 109 11.02 0.34 -15.15
C GLY A 109 11.07 0.70 -13.68
N ASN A 110 10.96 -0.30 -12.82
CA ASN A 110 11.20 -0.06 -11.41
C ASN A 110 12.07 -1.15 -10.80
N VAL A 111 13.15 -0.70 -10.17
CA VAL A 111 14.17 -1.60 -9.65
C VAL A 111 14.23 -1.44 -8.16
N PHE A 112 14.17 -2.54 -7.43
CA PHE A 112 14.19 -2.47 -5.96
C PHE A 112 14.97 -3.65 -5.40
N ILE A 113 15.17 -3.64 -4.08
CA ILE A 113 15.80 -4.75 -3.39
C ILE A 113 14.75 -5.52 -2.59
N GLN A 114 14.71 -6.82 -2.83
CA GLN A 114 13.89 -7.66 -1.95
C GLN A 114 14.72 -8.86 -1.51
N ARG A 115 14.73 -9.09 -0.20
CA ARG A 115 15.48 -10.18 0.41
C ARG A 115 16.94 -10.28 -0.10
N GLY A 116 17.59 -9.12 -0.19
CA GLY A 116 18.99 -9.04 -0.59
C GLY A 116 19.24 -9.09 -2.08
N ALA A 117 18.17 -9.21 -2.87
CA ALA A 117 18.27 -9.36 -4.31
C ALA A 117 17.61 -8.21 -5.07
N VAL A 118 18.13 -7.95 -6.25
CA VAL A 118 17.54 -7.03 -7.19
C VAL A 118 16.23 -7.61 -7.71
N ALA A 119 15.24 -6.73 -7.90
CA ALA A 119 13.94 -7.12 -8.39
C ALA A 119 13.44 -6.02 -9.33
N GLY A 120 12.79 -6.39 -10.42
CA GLY A 120 12.37 -5.42 -11.39
C GLY A 120 10.92 -5.58 -11.80
N VAL A 121 10.27 -4.45 -12.00
CA VAL A 121 8.98 -4.47 -12.66
C VAL A 121 9.03 -3.53 -13.85
N PHE A 122 8.64 -4.06 -15.00
CA PHE A 122 8.68 -3.29 -16.23
C PHE A 122 7.31 -3.21 -16.87
N ARG A 123 6.97 -2.00 -17.28
CA ARG A 123 5.62 -1.70 -17.74
C ARG A 123 5.66 -1.03 -19.09
N VAL A 124 4.87 -1.54 -20.03
CA VAL A 124 4.73 -0.92 -21.33
C VAL A 124 4.09 0.47 -21.28
N ILE A 125 4.76 1.45 -21.89
CA ILE A 125 4.14 2.73 -22.18
C ILE A 125 3.57 2.68 -23.59
N PRO A 126 2.25 2.71 -23.72
CA PRO A 126 1.64 2.59 -25.04
C PRO A 126 1.92 3.83 -25.91
N TYR A 127 2.10 3.64 -27.21
CA TYR A 127 2.25 4.77 -28.12
C TYR A 127 0.92 5.49 -28.28
N LYS A 128 -0.13 4.68 -28.46
CA LYS A 128 -1.45 5.22 -28.76
C LYS A 128 -2.24 5.53 -27.48
N ILE A 129 -2.60 6.80 -27.34
CA ILE A 129 -3.38 7.28 -26.20
C ILE A 129 -4.88 7.05 -26.38
N LEU A 130 -5.44 6.17 -25.55
CA LEU A 130 -6.88 5.89 -25.48
C LEU A 130 -7.74 7.15 -25.54
N THR A 131 -8.88 7.05 -26.23
CA THR A 131 -9.78 8.20 -26.34
C THR A 131 -10.87 8.23 -25.24
N PHE A 132 -11.61 9.34 -25.19
CA PHE A 132 -12.74 9.48 -24.28
C PHE A 132 -13.76 8.37 -24.46
N GLU A 133 -14.08 8.09 -25.72
CA GLU A 133 -14.98 7.00 -26.12
C GLU A 133 -14.54 5.73 -25.45
N GLU A 134 -13.28 5.37 -25.69
CA GLU A 134 -12.70 4.13 -25.19
C GLU A 134 -12.58 4.07 -23.67
N LEU A 135 -12.41 5.23 -23.02
CA LEU A 135 -12.32 5.24 -21.58
C LEU A 135 -13.72 5.29 -20.95
N GLY A 136 -14.73 5.48 -21.79
CA GLY A 136 -16.11 5.55 -21.32
C GLY A 136 -16.43 6.88 -20.64
N LEU A 137 -15.56 7.87 -20.87
CA LEU A 137 -15.80 9.21 -20.38
C LEU A 137 -16.96 9.83 -21.15
N PRO A 138 -17.87 10.52 -20.43
CA PRO A 138 -19.02 11.22 -21.03
C PRO A 138 -18.56 12.46 -21.81
N VAL A 139 -19.40 12.94 -22.72
CA VAL A 139 -18.99 14.02 -23.61
C VAL A 139 -18.62 15.30 -22.86
N VAL A 140 -19.10 15.43 -21.62
CA VAL A 140 -18.85 16.65 -20.86
C VAL A 140 -17.36 16.81 -20.62
N VAL A 141 -16.66 15.68 -20.56
CA VAL A 141 -15.22 15.73 -20.32
C VAL A 141 -14.56 16.30 -21.54
N LYS A 142 -15.00 15.82 -22.70
CA LYS A 142 -14.53 16.32 -23.98
C LYS A 142 -14.77 17.83 -24.10
N GLU A 143 -15.94 18.28 -23.66
CA GLU A 143 -16.26 19.69 -23.65
C GLU A 143 -15.31 20.45 -22.75
N LEU A 144 -14.96 19.85 -21.62
CA LEU A 144 -14.06 20.49 -20.67
C LEU A 144 -12.65 20.64 -21.25
N ALA A 145 -12.30 19.73 -22.16
CA ALA A 145 -10.99 19.71 -22.81
C ALA A 145 -10.91 20.75 -23.91
N GLU A 146 -12.02 21.43 -24.15
CA GLU A 146 -12.06 22.48 -25.14
C GLU A 146 -12.02 23.83 -24.45
N LYS A 147 -11.88 23.84 -23.14
CA LYS A 147 -11.81 25.08 -22.39
C LYS A 147 -10.51 25.81 -22.70
N PRO A 148 -10.60 27.12 -22.95
CA PRO A 148 -9.39 27.92 -23.21
C PRO A 148 -8.63 28.30 -21.95
N ARG A 149 -9.32 28.63 -20.87
CA ARG A 149 -8.66 29.12 -19.63
C ARG A 149 -9.13 28.40 -18.39
N GLY A 150 -8.53 28.75 -17.27
CA GLY A 150 -9.06 28.33 -16.00
C GLY A 150 -8.40 27.11 -15.39
N LEU A 151 -9.00 26.65 -14.30
CA LEU A 151 -8.48 25.52 -13.57
C LEU A 151 -9.40 24.32 -13.72
N ILE A 152 -8.83 23.18 -14.09
CA ILE A 152 -9.58 21.93 -14.22
C ILE A 152 -8.99 20.86 -13.31
N LEU A 153 -9.83 20.23 -12.48
CA LEU A 153 -9.33 19.26 -11.52
C LEU A 153 -9.79 17.84 -11.81
N VAL A 154 -8.84 16.91 -11.84
CA VAL A 154 -9.16 15.49 -11.88
C VAL A 154 -8.73 14.88 -10.56
N THR A 155 -9.70 14.49 -9.72
CA THR A 155 -9.37 14.01 -8.39
C THR A 155 -9.61 12.54 -8.24
N GLY A 156 -9.03 11.95 -7.20
CA GLY A 156 -9.23 10.55 -6.92
C GLY A 156 -7.96 9.90 -6.44
N PRO A 157 -8.05 8.62 -6.05
CA PRO A 157 -6.82 7.93 -5.67
C PRO A 157 -5.92 7.76 -6.89
N THR A 158 -4.61 7.88 -6.70
CA THR A 158 -3.65 7.43 -7.70
C THR A 158 -4.04 5.99 -8.02
N GLY A 159 -4.30 5.70 -9.29
CA GLY A 159 -4.74 4.36 -9.66
C GLY A 159 -6.22 4.28 -10.01
N SER A 160 -6.91 5.42 -9.90
CA SER A 160 -8.32 5.48 -10.28
C SER A 160 -8.50 5.95 -11.71
N GLY A 161 -7.40 5.98 -12.48
CA GLY A 161 -7.44 6.44 -13.86
C GLY A 161 -7.35 7.94 -14.07
N LYS A 162 -6.73 8.66 -13.13
CA LYS A 162 -6.51 10.09 -13.35
C LYS A 162 -5.58 10.30 -14.54
N SER A 163 -4.50 9.53 -14.56
CA SER A 163 -3.51 9.60 -15.63
C SER A 163 -4.09 9.37 -17.04
N THR A 164 -4.97 8.38 -17.22
CA THR A 164 -5.54 8.12 -18.55
C THR A 164 -6.57 9.19 -18.93
N THR A 165 -7.22 9.77 -17.93
CA THR A 165 -8.18 10.84 -18.18
C THR A 165 -7.43 12.11 -18.60
N LEU A 166 -6.39 12.44 -17.84
CA LEU A 166 -5.51 13.56 -18.16
C LEU A 166 -4.78 13.37 -19.49
N ALA A 167 -4.27 12.16 -19.74
CA ALA A 167 -3.65 11.83 -20.99
C ALA A 167 -4.57 12.14 -22.18
N ALA A 168 -5.82 11.72 -22.07
CA ALA A 168 -6.76 11.88 -23.18
C ALA A 168 -7.08 13.35 -23.42
N ILE A 169 -7.20 14.09 -22.33
CA ILE A 169 -7.44 15.53 -22.40
C ILE A 169 -6.28 16.24 -23.08
N ILE A 170 -5.06 15.91 -22.67
CA ILE A 170 -3.89 16.57 -23.23
C ILE A 170 -3.71 16.20 -24.69
N ASP A 171 -3.96 14.93 -25.01
CA ASP A 171 -3.87 14.48 -26.39
C ASP A 171 -4.81 15.29 -27.29
N LYS A 172 -6.03 15.51 -26.80
CA LYS A 172 -7.02 16.27 -27.56
C LYS A 172 -6.56 17.72 -27.75
N ILE A 173 -5.96 18.29 -26.70
CA ILE A 173 -5.47 19.65 -26.74
C ILE A 173 -4.34 19.77 -27.73
N ASN A 174 -3.38 18.85 -27.61
CA ASN A 174 -2.24 18.75 -28.49
C ASN A 174 -2.62 18.59 -29.96
N THR A 175 -3.78 17.97 -30.19
CA THR A 175 -4.30 17.73 -31.53
C THR A 175 -4.96 18.99 -32.10
N GLU A 176 -5.66 19.73 -31.24
CA GLU A 176 -6.51 20.81 -31.70
C GLU A 176 -5.90 22.21 -31.59
N ARG A 177 -5.05 22.45 -30.59
CA ARG A 177 -4.55 23.81 -30.35
C ARG A 177 -3.14 24.07 -30.88
N HIS A 178 -2.72 25.33 -30.88
CA HIS A 178 -1.32 25.65 -31.16
C HIS A 178 -0.68 26.29 -29.92
N ASP A 179 -0.57 25.48 -28.86
CA ASP A 179 -0.12 25.94 -27.55
C ASP A 179 1.20 25.30 -27.18
N HIS A 180 1.79 25.83 -26.12
CA HIS A 180 2.94 25.21 -25.47
C HIS A 180 2.40 24.49 -24.26
N ILE A 181 2.53 23.17 -24.25
CA ILE A 181 2.04 22.31 -23.16
C ILE A 181 3.19 21.84 -22.28
N VAL A 182 3.20 22.27 -21.03
CA VAL A 182 4.19 21.80 -20.05
C VAL A 182 3.51 20.94 -18.97
N THR A 183 3.99 19.72 -18.79
CA THR A 183 3.48 18.85 -17.73
C THR A 183 4.56 18.66 -16.67
N ILE A 184 4.14 18.44 -15.43
CA ILE A 184 5.06 18.13 -14.35
C ILE A 184 4.48 16.91 -13.66
N GLU A 185 5.16 15.77 -13.83
CA GLU A 185 4.56 14.47 -13.53
C GLU A 185 5.39 13.63 -12.56
N ASP A 186 4.74 12.75 -11.82
CA ASP A 186 5.42 11.93 -10.83
C ASP A 186 4.82 10.54 -10.70
N PRO A 187 5.13 9.64 -11.66
CA PRO A 187 6.03 9.92 -12.78
C PRO A 187 5.24 10.30 -14.04
N ILE A 188 5.92 10.37 -15.17
CA ILE A 188 5.22 10.48 -16.44
C ILE A 188 4.62 9.12 -16.72
N GLU A 189 3.31 9.09 -16.94
CA GLU A 189 2.60 7.85 -17.23
C GLU A 189 2.42 7.68 -18.76
N TYR A 190 1.98 8.72 -19.44
CA TYR A 190 1.78 8.63 -20.89
C TYR A 190 2.58 9.69 -21.63
N LEU A 191 3.27 9.30 -22.70
CA LEU A 191 4.10 10.26 -23.43
C LEU A 191 3.33 10.92 -24.58
N HIS A 192 3.71 12.16 -24.91
CA HIS A 192 3.05 12.87 -25.98
C HIS A 192 4.04 13.37 -27.03
N PRO A 193 3.85 12.94 -28.28
CA PRO A 193 4.62 13.47 -29.42
C PRO A 193 4.12 14.87 -29.71
N HIS A 194 4.90 15.71 -30.39
CA HIS A 194 4.31 16.98 -30.80
C HIS A 194 3.27 16.71 -31.88
N LYS A 195 2.10 17.32 -31.75
CA LYS A 195 1.15 17.33 -32.85
C LYS A 195 1.05 18.78 -33.31
N SER A 196 0.01 19.50 -32.89
CA SER A 196 -0.05 20.95 -33.18
C SER A 196 0.58 21.80 -32.07
N CYS A 197 0.64 21.27 -30.86
CA CYS A 197 1.25 21.97 -29.73
C CYS A 197 2.73 21.63 -29.60
N VAL A 198 3.49 22.47 -28.90
CA VAL A 198 4.82 22.08 -28.46
C VAL A 198 4.67 21.47 -27.06
N VAL A 199 5.14 20.23 -26.89
CA VAL A 199 4.96 19.55 -25.60
C VAL A 199 6.29 19.30 -24.86
N ASN A 200 6.38 19.82 -23.63
CA ASN A 200 7.51 19.56 -22.74
C ASN A 200 7.07 18.87 -21.45
N GLN A 201 7.59 17.67 -21.17
CA GLN A 201 7.18 16.92 -19.98
C GLN A 201 8.35 16.72 -19.04
N ARG A 202 8.20 17.17 -17.81
CA ARG A 202 9.26 17.03 -16.83
C ARG A 202 8.91 15.97 -15.77
N GLU A 203 9.73 14.95 -15.67
CA GLU A 203 9.45 13.96 -14.64
C GLU A 203 10.15 14.32 -13.31
N VAL A 204 9.33 14.50 -12.27
CA VAL A 204 9.83 14.70 -10.93
C VAL A 204 10.71 13.52 -10.55
N GLY A 205 11.88 13.79 -9.99
CA GLY A 205 12.82 12.74 -9.64
C GLY A 205 13.90 12.57 -10.69
N ALA A 206 13.66 13.12 -11.88
CA ALA A 206 14.58 12.93 -12.99
C ALA A 206 14.83 14.23 -13.77
N ASP A 207 13.79 14.76 -14.41
CA ASP A 207 13.93 15.99 -15.19
C ASP A 207 13.95 17.23 -14.26
N THR A 208 13.20 17.14 -13.17
CA THR A 208 13.22 18.16 -12.14
C THR A 208 13.29 17.47 -10.79
N LYS A 209 13.86 18.14 -9.78
CA LYS A 209 14.03 17.51 -8.47
C LYS A 209 12.75 17.47 -7.65
N SER A 210 11.78 18.28 -8.03
CA SER A 210 10.57 18.42 -7.23
C SER A 210 9.53 19.24 -7.95
N PHE A 211 8.28 19.09 -7.52
CA PHE A 211 7.24 19.99 -7.97
C PHE A 211 7.59 21.44 -7.64
N LYS A 212 8.23 21.65 -6.49
CA LYS A 212 8.58 22.99 -6.04
C LYS A 212 9.58 23.64 -6.99
N ASN A 213 10.62 22.90 -7.37
CA ASN A 213 11.58 23.39 -8.36
C ASN A 213 10.92 23.68 -9.70
N ALA A 214 10.16 22.72 -10.21
CA ALA A 214 9.61 22.83 -11.54
C ALA A 214 8.57 23.97 -11.64
N LEU A 215 7.90 24.27 -10.52
CA LEU A 215 6.90 25.32 -10.53
C LEU A 215 7.52 26.71 -10.32
N LYS A 216 8.70 26.74 -9.72
CA LYS A 216 9.37 27.99 -9.42
C LYS A 216 9.62 28.84 -10.66
N TYR A 217 9.69 28.19 -11.83
CA TYR A 217 10.05 28.86 -13.08
C TYR A 217 9.03 28.66 -14.19
N ILE A 218 7.90 28.03 -13.86
CA ILE A 218 6.89 27.72 -14.87
C ILE A 218 6.39 28.99 -15.62
N LEU A 219 6.34 30.13 -14.93
CA LEU A 219 5.84 31.33 -15.59
C LEU A 219 6.89 31.89 -16.52
N ARG A 220 8.11 31.38 -16.42
CA ARG A 220 9.22 31.84 -17.27
C ARG A 220 9.41 30.90 -18.44
N GLN A 221 8.53 29.92 -18.58
CA GLN A 221 8.70 28.94 -19.65
C GLN A 221 7.63 29.08 -20.75
N ASP A 222 6.95 30.22 -20.75
CA ASP A 222 5.93 30.53 -21.77
C ASP A 222 4.99 29.34 -22.04
N PRO A 223 4.32 28.84 -21.00
CA PRO A 223 3.39 27.75 -21.30
C PRO A 223 2.02 28.33 -21.59
N ASP A 224 1.13 27.54 -22.20
CA ASP A 224 -0.25 27.95 -22.32
C ASP A 224 -1.08 27.02 -21.52
N VAL A 225 -0.67 25.76 -21.52
CA VAL A 225 -1.36 24.67 -20.83
C VAL A 225 -0.35 24.01 -19.91
N VAL A 226 -0.72 23.82 -18.65
CA VAL A 226 0.18 23.23 -17.64
C VAL A 226 -0.49 22.13 -16.84
N LEU A 227 0.04 20.93 -16.90
CA LEU A 227 -0.41 19.86 -16.01
C LEU A 227 0.47 19.87 -14.78
N VAL A 228 -0.14 20.22 -13.65
CA VAL A 228 0.59 20.55 -12.44
C VAL A 228 0.74 19.34 -11.50
N GLY A 229 -0.06 18.32 -11.67
CA GLY A 229 0.05 17.18 -10.80
C GLY A 229 -0.67 17.45 -9.50
N GLU A 230 -0.40 16.68 -8.48
CA GLU A 230 -1.06 16.82 -7.20
C GLU A 230 -0.86 18.11 -6.49
N LEU A 231 -1.93 18.63 -5.97
CA LEU A 231 -1.87 19.84 -5.22
C LEU A 231 -1.45 19.49 -3.78
N ARG A 232 -0.20 19.10 -3.61
CA ARG A 232 0.37 18.75 -2.31
C ARG A 232 0.28 19.91 -1.32
N ASP A 233 0.90 21.03 -1.69
CA ASP A 233 1.26 22.10 -0.79
C ASP A 233 0.36 23.30 -0.90
N LEU A 234 0.59 24.29 -0.06
CA LEU A 234 -0.02 25.61 -0.26
C LEU A 234 0.62 26.27 -1.47
N GLU A 235 1.91 25.98 -1.66
CA GLU A 235 2.71 26.56 -2.73
C GLU A 235 2.25 26.11 -4.12
N THR A 236 2.03 24.81 -4.28
CA THR A 236 1.57 24.24 -5.55
C THR A 236 0.17 24.75 -5.92
N ILE A 237 -0.74 24.77 -4.95
CA ILE A 237 -2.07 25.30 -5.18
C ILE A 237 -2.03 26.76 -5.66
N GLU A 238 -1.15 27.54 -5.03
CA GLU A 238 -1.00 28.94 -5.33
C GLU A 238 -0.43 29.15 -6.71
N ALA A 239 0.38 28.20 -7.17
CA ALA A 239 0.93 28.28 -8.50
C ALA A 239 -0.15 27.96 -9.53
N ALA A 240 -0.89 26.88 -9.30
CA ALA A 240 -2.02 26.49 -10.14
C ALA A 240 -3.04 27.63 -10.26
N LEU A 241 -3.42 28.22 -9.12
CA LEU A 241 -4.39 29.32 -9.13
C LEU A 241 -3.87 30.49 -9.95
N THR A 242 -2.56 30.71 -9.85
CA THR A 242 -1.91 31.80 -10.54
C THR A 242 -1.96 31.59 -12.05
N LEU A 243 -1.62 30.39 -12.48
CA LEU A 243 -1.69 30.03 -13.89
C LEU A 243 -3.13 30.24 -14.39
N ALA A 244 -4.09 29.75 -13.62
CA ALA A 244 -5.50 29.77 -14.00
C ALA A 244 -6.07 31.19 -14.05
N GLU A 245 -5.64 32.05 -13.12
CA GLU A 245 -6.05 33.46 -13.09
C GLU A 245 -5.54 34.29 -14.26
N THR A 246 -4.43 33.86 -14.86
CA THR A 246 -3.72 34.67 -15.82
C THR A 246 -3.77 34.10 -17.24
N GLY A 247 -4.88 33.46 -17.57
CA GLY A 247 -5.13 33.08 -18.94
C GLY A 247 -4.53 31.76 -19.39
N HIS A 248 -3.98 31.00 -18.44
CA HIS A 248 -3.52 29.67 -18.76
C HIS A 248 -4.62 28.68 -18.52
N LEU A 249 -4.45 27.50 -19.09
CA LEU A 249 -5.29 26.39 -18.69
C LEU A 249 -4.45 25.50 -17.76
N CYS A 250 -4.91 25.34 -16.52
CA CYS A 250 -4.19 24.53 -15.57
C CYS A 250 -4.93 23.21 -15.30
N LEU A 251 -4.26 22.09 -15.61
CA LEU A 251 -4.76 20.77 -15.27
C LEU A 251 -4.09 20.34 -13.99
N ALA A 252 -4.87 19.83 -13.04
CA ALA A 252 -4.30 19.43 -11.77
C ALA A 252 -5.11 18.34 -11.08
N THR A 253 -4.46 17.73 -10.11
CA THR A 253 -4.92 16.58 -9.38
C THR A 253 -4.99 16.76 -7.86
N LEU A 254 -5.91 16.05 -7.26
CA LEU A 254 -6.09 15.97 -5.83
C LEU A 254 -6.59 14.60 -5.47
N HIS A 255 -6.30 14.11 -4.29
CA HIS A 255 -6.81 12.83 -3.90
C HIS A 255 -8.07 13.01 -3.09
N THR A 256 -9.09 13.55 -3.70
CA THR A 256 -10.34 13.79 -3.07
C THR A 256 -11.40 13.00 -3.80
N ASN A 257 -12.47 12.67 -3.12
CA ASN A 257 -13.38 11.75 -3.78
C ASN A 257 -14.69 12.37 -4.25
N SER A 258 -14.83 13.68 -4.10
CA SER A 258 -16.01 14.38 -4.59
C SER A 258 -15.65 15.84 -4.88
N ALA A 259 -16.51 16.52 -5.62
CA ALA A 259 -16.32 17.92 -5.96
C ALA A 259 -16.31 18.78 -4.72
N VAL A 260 -17.32 18.58 -3.87
CA VAL A 260 -17.45 19.28 -2.60
C VAL A 260 -16.23 19.04 -1.69
N GLN A 261 -15.83 17.79 -1.59
CA GLN A 261 -14.67 17.44 -0.79
C GLN A 261 -13.39 18.06 -1.37
N THR A 262 -13.32 18.14 -2.70
CA THR A 262 -12.19 18.74 -3.40
C THR A 262 -12.07 20.24 -3.14
N ILE A 263 -13.19 20.95 -3.27
CA ILE A 263 -13.21 22.40 -3.09
C ILE A 263 -12.87 22.78 -1.64
N ASN A 264 -13.42 22.04 -0.68
CA ASN A 264 -13.14 22.30 0.73
C ASN A 264 -11.66 22.12 1.05
N ARG A 265 -11.08 21.07 0.47
CA ARG A 265 -9.65 20.79 0.64
C ARG A 265 -8.75 21.88 0.09
N ILE A 266 -9.14 22.49 -1.03
CA ILE A 266 -8.38 23.61 -1.58
C ILE A 266 -8.31 24.77 -0.58
N VAL A 267 -9.42 25.03 0.09
CA VAL A 267 -9.56 26.18 0.97
C VAL A 267 -8.92 25.93 2.33
N ASP A 268 -9.28 24.78 2.91
CA ASP A 268 -9.03 24.52 4.30
C ASP A 268 -7.55 24.42 4.68
N VAL A 269 -6.67 24.22 3.72
CA VAL A 269 -5.23 24.07 4.02
C VAL A 269 -4.56 25.42 4.23
N PHE A 270 -5.24 26.47 3.79
CA PHE A 270 -4.81 27.86 3.92
C PHE A 270 -5.18 28.47 5.27
N PRO A 271 -4.37 29.44 5.72
CA PRO A 271 -4.67 30.25 6.90
C PRO A 271 -6.05 30.90 6.79
N PRO A 272 -6.83 30.88 7.88
CA PRO A 272 -8.18 31.47 7.93
C PRO A 272 -8.29 32.83 7.24
N TYR A 273 -7.27 33.68 7.33
CA TYR A 273 -7.34 35.01 6.73
C TYR A 273 -7.33 34.98 5.19
N GLN A 274 -6.76 33.92 4.63
CA GLN A 274 -6.59 33.81 3.19
C GLN A 274 -7.74 33.06 2.52
N GLN A 275 -8.54 32.37 3.32
CA GLN A 275 -9.64 31.55 2.80
C GLN A 275 -10.70 32.33 2.01
N PRO A 276 -11.11 33.54 2.47
CA PRO A 276 -11.94 34.39 1.61
C PRO A 276 -11.30 34.75 0.25
N GLN A 277 -9.98 34.91 0.18
CA GLN A 277 -9.34 35.17 -1.12
C GLN A 277 -9.42 33.94 -2.05
N VAL A 278 -9.05 32.79 -1.49
CA VAL A 278 -8.88 31.57 -2.27
C VAL A 278 -10.22 31.10 -2.82
N ARG A 279 -11.26 31.23 -2.01
CA ARG A 279 -12.62 30.98 -2.48
C ARG A 279 -13.03 31.91 -3.62
N ALA A 280 -12.64 33.19 -3.52
CA ALA A 280 -12.93 34.18 -4.57
C ALA A 280 -12.21 33.81 -5.84
N GLN A 281 -10.96 33.39 -5.69
CA GLN A 281 -10.16 32.88 -6.79
C GLN A 281 -10.77 31.64 -7.43
N LEU A 282 -11.13 30.67 -6.59
CA LEU A 282 -11.69 29.43 -7.10
C LEU A 282 -12.96 29.70 -7.87
N SER A 283 -13.77 30.64 -7.36
CA SER A 283 -15.08 30.89 -7.96
C SER A 283 -14.85 31.44 -9.36
N PHE A 284 -13.76 32.16 -9.53
CA PHE A 284 -13.43 32.80 -10.80
C PHE A 284 -12.83 31.83 -11.83
N VAL A 285 -11.87 31.01 -11.40
CA VAL A 285 -11.04 30.27 -12.35
C VAL A 285 -11.42 28.79 -12.55
N LEU A 286 -12.15 28.21 -11.58
CA LEU A 286 -12.57 26.81 -11.66
C LEU A 286 -13.47 26.59 -12.85
N GLU A 287 -13.11 25.65 -13.72
CA GLU A 287 -13.91 25.40 -14.92
C GLU A 287 -14.48 24.00 -14.89
N GLY A 288 -14.02 23.21 -13.93
CA GLY A 288 -14.50 21.85 -13.82
C GLY A 288 -13.75 20.98 -12.82
N VAL A 289 -14.49 20.04 -12.23
CA VAL A 289 -13.92 19.11 -11.28
C VAL A 289 -14.42 17.73 -11.62
N MET A 290 -13.49 16.81 -11.79
CA MET A 290 -13.88 15.43 -12.00
C MET A 290 -13.34 14.56 -10.88
N SER A 291 -14.21 13.76 -10.31
CA SER A 291 -13.82 12.84 -9.28
C SER A 291 -14.02 11.46 -9.79
N GLN A 292 -13.00 10.63 -9.69
CA GLN A 292 -13.06 9.30 -10.23
C GLN A 292 -12.80 8.13 -9.35
N THR A 293 -13.48 7.05 -9.65
CA THR A 293 -13.27 5.78 -9.00
C THR A 293 -13.25 4.62 -9.96
N LEU A 294 -12.25 3.78 -9.90
CA LEU A 294 -12.31 2.53 -10.67
C LEU A 294 -12.86 1.44 -9.76
N LEU A 295 -14.11 1.09 -9.98
CA LEU A 295 -14.76 0.03 -9.22
C LEU A 295 -14.51 -1.29 -9.91
N PRO A 296 -14.70 -2.42 -9.19
CA PRO A 296 -14.68 -3.72 -9.85
C PRO A 296 -15.95 -3.96 -10.66
N ASN A 297 -15.87 -4.66 -11.78
CA ASN A 297 -17.11 -5.00 -12.46
C ASN A 297 -17.81 -6.13 -11.70
N VAL A 298 -19.09 -6.34 -12.00
CA VAL A 298 -19.85 -7.41 -11.38
C VAL A 298 -19.06 -8.73 -11.46
N SER A 299 -18.41 -8.94 -12.60
CA SER A 299 -17.50 -10.07 -12.81
C SER A 299 -16.37 -10.14 -11.78
N GLY A 300 -15.64 -9.04 -11.59
CA GLY A 300 -14.50 -9.01 -10.70
C GLY A 300 -13.17 -9.03 -11.43
N LYS A 301 -13.19 -9.45 -12.70
CA LYS A 301 -11.98 -9.65 -13.47
C LYS A 301 -11.61 -8.42 -14.28
N GLY A 302 -12.19 -7.28 -13.93
CA GLY A 302 -11.92 -6.02 -14.61
C GLY A 302 -12.49 -4.85 -13.84
N ARG A 303 -12.32 -3.64 -14.37
CA ARG A 303 -12.72 -2.43 -13.66
C ARG A 303 -13.47 -1.42 -14.52
N VAL A 304 -14.53 -0.85 -13.97
CA VAL A 304 -15.34 0.16 -14.60
C VAL A 304 -15.17 1.50 -13.90
N LEU A 305 -15.41 2.57 -14.62
CA LEU A 305 -15.25 3.88 -14.06
C LEU A 305 -16.51 4.57 -13.60
N ALA A 306 -16.45 5.13 -12.42
CA ALA A 306 -17.52 5.87 -11.82
C ALA A 306 -16.98 7.29 -11.74
N LEU A 307 -17.80 8.25 -12.07
CA LEU A 307 -17.29 9.59 -12.24
C LEU A 307 -18.27 10.65 -11.76
N GLU A 308 -17.79 11.57 -10.96
CA GLU A 308 -18.58 12.67 -10.52
C GLU A 308 -18.02 13.85 -11.26
N VAL A 309 -18.87 14.60 -11.93
CA VAL A 309 -18.46 15.78 -12.66
C VAL A 309 -19.16 17.03 -12.23
N MET A 310 -18.42 18.06 -11.88
CA MET A 310 -19.01 19.33 -11.52
C MET A 310 -18.59 20.40 -12.50
N VAL A 311 -19.54 21.03 -13.18
CA VAL A 311 -19.26 22.10 -14.09
C VAL A 311 -19.84 23.35 -13.49
N PRO A 312 -18.93 24.34 -13.17
CA PRO A 312 -19.50 25.53 -12.54
C PRO A 312 -20.42 26.37 -13.37
N ASN A 313 -21.33 27.04 -12.70
CA ASN A 313 -22.29 27.92 -13.34
C ASN A 313 -22.46 29.13 -12.47
N PRO A 314 -23.10 30.18 -12.97
CA PRO A 314 -23.22 31.34 -12.08
C PRO A 314 -23.59 30.97 -10.65
N ALA A 315 -24.57 30.07 -10.52
CA ALA A 315 -25.10 29.69 -9.22
C ALA A 315 -24.07 29.05 -8.29
N ILE A 316 -23.16 28.28 -8.88
CA ILE A 316 -22.13 27.56 -8.11
C ILE A 316 -20.94 28.45 -7.75
N ARG A 317 -20.55 29.32 -8.68
CA ARG A 317 -19.46 30.25 -8.42
C ARG A 317 -19.81 31.12 -7.22
N ASN A 318 -21.08 31.51 -7.11
CA ASN A 318 -21.56 32.27 -5.97
C ASN A 318 -21.50 31.40 -4.69
N LEU A 319 -21.97 30.16 -4.77
CA LEU A 319 -21.86 29.26 -3.63
C LEU A 319 -20.42 29.13 -3.11
N ILE A 320 -19.44 28.98 -4.01
CA ILE A 320 -18.05 28.89 -3.58
C ILE A 320 -17.56 30.18 -2.91
N ARG A 321 -17.80 31.33 -3.54
CA ARG A 321 -17.34 32.61 -3.01
C ARG A 321 -17.98 33.01 -1.68
N GLU A 322 -19.25 32.65 -1.49
CA GLU A 322 -19.97 33.04 -0.29
C GLU A 322 -19.92 31.94 0.78
N ASP A 323 -19.06 30.95 0.55
CA ASP A 323 -18.74 29.92 1.55
C ASP A 323 -19.97 29.06 1.91
N LYS A 324 -20.63 28.56 0.89
CA LYS A 324 -21.76 27.65 1.04
C LYS A 324 -21.48 26.38 0.24
N ILE A 325 -20.28 25.84 0.41
CA ILE A 325 -19.75 24.80 -0.48
C ILE A 325 -20.54 23.47 -0.49
N HIS A 326 -20.97 23.02 0.69
CA HIS A 326 -21.84 21.85 0.81
C HIS A 326 -23.02 21.89 -0.17
N GLN A 327 -23.61 23.08 -0.33
CA GLN A 327 -24.77 23.31 -1.18
C GLN A 327 -24.53 23.08 -2.69
N ILE A 328 -23.27 23.06 -3.11
CA ILE A 328 -22.94 22.82 -4.50
C ILE A 328 -23.58 21.53 -4.99
N TYR A 329 -23.60 20.53 -4.13
CA TYR A 329 -24.07 19.20 -4.47
C TYR A 329 -25.49 19.20 -5.04
N SER A 330 -26.31 20.10 -4.52
CA SER A 330 -27.67 20.32 -5.01
C SER A 330 -27.71 20.71 -6.49
N GLN A 331 -26.86 21.65 -6.87
CA GLN A 331 -26.77 22.09 -8.25
C GLN A 331 -26.31 20.97 -9.19
N MET A 332 -25.59 20.00 -8.64
CA MET A 332 -25.08 18.93 -9.47
C MET A 332 -26.15 17.87 -9.78
N GLN A 333 -27.12 17.77 -8.90
CA GLN A 333 -28.21 16.81 -9.07
C GLN A 333 -29.04 17.11 -10.30
N VAL A 334 -29.32 18.39 -10.50
CA VAL A 334 -30.15 18.84 -11.60
C VAL A 334 -29.42 19.39 -12.81
N GLY A 335 -28.10 19.25 -12.86
CA GLY A 335 -27.30 19.81 -13.92
C GLY A 335 -26.96 18.97 -15.13
N GLN A 336 -27.48 17.77 -15.22
CA GLN A 336 -27.12 16.90 -16.33
C GLN A 336 -27.46 17.30 -17.75
N GLU A 337 -28.65 17.79 -17.99
CA GLU A 337 -29.02 18.16 -19.34
C GLU A 337 -28.35 19.44 -19.86
N LYS A 338 -28.41 20.51 -19.10
CA LYS A 338 -27.75 21.76 -19.48
C LYS A 338 -26.23 21.81 -19.38
N PHE A 339 -25.70 21.33 -18.26
CA PHE A 339 -24.27 21.36 -18.04
C PHE A 339 -23.50 20.06 -18.10
N GLY A 340 -24.16 18.93 -18.15
CA GLY A 340 -23.47 17.66 -18.20
C GLY A 340 -22.94 17.22 -16.88
N MET A 341 -23.27 17.92 -15.81
CA MET A 341 -22.80 17.52 -14.51
C MET A 341 -23.45 16.24 -14.07
N GLN A 342 -22.79 15.48 -13.23
CA GLN A 342 -23.35 14.29 -12.69
C GLN A 342 -22.79 14.05 -11.35
N THR A 343 -23.59 13.58 -10.41
CA THR A 343 -23.07 13.21 -9.10
C THR A 343 -22.52 11.79 -9.16
N MET A 344 -21.68 11.46 -8.17
CA MET A 344 -21.21 10.10 -7.98
C MET A 344 -22.39 9.15 -7.86
N ASN A 345 -23.42 9.54 -7.09
CA ASN A 345 -24.61 8.71 -6.99
C ASN A 345 -25.30 8.54 -8.34
N GLN A 346 -25.41 9.60 -9.13
CA GLN A 346 -26.00 9.47 -10.46
C GLN A 346 -25.19 8.51 -11.32
N SER A 347 -23.86 8.65 -11.28
CA SER A 347 -22.96 7.76 -12.01
C SER A 347 -23.12 6.32 -11.56
N LEU A 348 -23.08 6.09 -10.25
CA LEU A 348 -23.30 4.74 -9.70
C LEU A 348 -24.64 4.15 -10.18
N PHE A 349 -25.67 4.99 -10.14
CA PHE A 349 -27.01 4.59 -10.55
C PHE A 349 -27.00 4.16 -12.02
N SER A 350 -26.14 4.81 -12.79
CA SER A 350 -26.05 4.55 -14.22
C SER A 350 -25.32 3.22 -14.45
N LEU A 351 -24.26 2.99 -13.70
CA LEU A 351 -23.53 1.74 -13.79
C LEU A 351 -24.40 0.54 -13.40
N LEU A 352 -25.29 0.74 -12.45
CA LEU A 352 -26.22 -0.32 -12.02
C LEU A 352 -27.27 -0.66 -13.09
N GLN A 353 -27.84 0.35 -13.75
CA GLN A 353 -28.81 0.12 -14.83
C GLN A 353 -28.21 -0.76 -15.93
N LYS A 354 -26.96 -0.46 -16.26
CA LYS A 354 -26.23 -1.13 -17.32
C LYS A 354 -25.61 -2.43 -16.83
N ARG A 355 -25.80 -2.71 -15.53
CA ARG A 355 -25.25 -3.90 -14.87
C ARG A 355 -23.74 -4.04 -14.99
N ARG A 356 -23.03 -2.91 -14.87
CA ARG A 356 -21.58 -2.91 -14.94
C ARG A 356 -20.95 -3.14 -13.56
N ILE A 357 -21.66 -2.72 -12.50
CA ILE A 357 -21.25 -2.97 -11.12
C ILE A 357 -22.38 -3.61 -10.32
N SER A 358 -22.06 -4.16 -9.16
CA SER A 358 -23.09 -4.80 -8.33
C SER A 358 -23.59 -3.87 -7.24
N LEU A 359 -24.80 -4.15 -6.76
CA LEU A 359 -25.44 -3.35 -5.71
C LEU A 359 -24.54 -3.22 -4.46
N ASP A 360 -23.87 -4.30 -4.05
CA ASP A 360 -22.95 -4.25 -2.89
C ASP A 360 -21.87 -3.20 -3.08
N VAL A 361 -21.13 -3.35 -4.17
CA VAL A 361 -20.03 -2.46 -4.46
C VAL A 361 -20.55 -1.03 -4.63
N ALA A 362 -21.65 -0.88 -5.35
CA ALA A 362 -22.24 0.45 -5.53
C ALA A 362 -22.57 1.11 -4.19
N MET A 363 -23.29 0.40 -3.34
CA MET A 363 -23.75 0.94 -2.07
C MET A 363 -22.61 1.21 -1.10
N ALA A 364 -21.53 0.43 -1.17
CA ALA A 364 -20.39 0.67 -0.27
C ALA A 364 -19.71 1.98 -0.64
N ARG A 365 -19.60 2.23 -1.94
CA ARG A 365 -18.89 3.39 -2.46
C ARG A 365 -19.71 4.64 -2.26
N SER A 366 -21.02 4.48 -2.18
CA SER A 366 -21.92 5.62 -2.07
C SER A 366 -21.66 6.45 -0.81
N SER A 367 -21.50 7.75 -1.00
CA SER A 367 -21.39 8.66 0.12
C SER A 367 -22.78 9.05 0.64
N ASP A 368 -23.82 8.68 -0.12
CA ASP A 368 -25.21 8.74 0.37
C ASP A 368 -26.06 7.55 -0.12
N PRO A 369 -25.88 6.39 0.53
CA PRO A 369 -26.64 5.15 0.34
C PRO A 369 -28.17 5.37 0.26
N ASP A 370 -28.75 6.06 1.25
CA ASP A 370 -30.20 6.36 1.26
C ASP A 370 -30.66 7.06 -0.03
N GLU A 371 -29.91 8.05 -0.49
CA GLU A 371 -30.22 8.71 -1.76
C GLU A 371 -30.23 7.73 -2.92
N LEU A 372 -29.18 6.92 -3.02
CA LEU A 372 -29.08 5.92 -4.10
C LEU A 372 -30.23 4.91 -4.07
N LYS A 373 -30.58 4.35 -2.91
CA LYS A 373 -31.82 3.56 -2.84
C LYS A 373 -33.04 4.33 -3.36
N GLN A 374 -33.17 5.58 -2.93
CA GLN A 374 -34.31 6.41 -3.34
C GLN A 374 -34.40 6.51 -4.88
N MET A 375 -33.23 6.74 -5.50
CA MET A 375 -33.14 6.78 -6.97
C MET A 375 -33.50 5.44 -7.59
N LEU A 376 -33.05 4.36 -6.96
CA LEU A 376 -33.23 3.05 -7.55
C LEU A 376 -34.70 2.66 -7.48
N ALA A 377 -35.42 3.18 -6.48
CA ALA A 377 -36.86 2.97 -6.35
C ALA A 377 -37.64 3.46 -7.58
N SER A 378 -37.22 4.63 -8.09
CA SER A 378 -37.82 5.23 -9.27
C SER A 378 -37.11 4.81 -10.56
N LEU B 19 46.35 -9.94 24.24
CA LEU B 19 46.50 -11.28 23.63
C LEU B 19 45.57 -12.34 24.26
N TYR B 20 44.28 -12.22 23.96
CA TYR B 20 43.26 -13.14 24.46
C TYR B 20 42.81 -14.10 23.34
N PHE B 21 42.62 -15.34 23.70
CA PHE B 21 42.18 -16.33 22.76
C PHE B 21 40.76 -16.73 23.04
N GLN B 22 40.23 -17.45 22.11
CA GLN B 22 38.94 -18.07 22.14
C GLN B 22 39.00 -19.29 23.03
N SER B 23 37.85 -19.87 23.28
CA SER B 23 37.78 -21.06 24.09
C SER B 23 38.40 -22.26 23.44
N ALA B 24 39.00 -23.15 24.23
CA ALA B 24 39.63 -24.35 23.66
C ALA B 24 38.61 -25.17 22.88
N SER B 25 38.99 -25.47 21.63
CA SER B 25 38.18 -26.27 20.70
C SER B 25 36.74 -25.75 20.60
N MET B 26 36.58 -24.44 20.71
CA MET B 26 35.26 -23.82 20.63
C MET B 26 34.52 -24.20 19.34
N ALA B 27 33.22 -24.45 19.48
CA ALA B 27 32.34 -24.75 18.37
C ALA B 27 32.03 -23.50 17.54
N ASN B 28 31.79 -23.68 16.25
CA ASN B 28 31.47 -22.54 15.39
C ASN B 28 29.96 -22.31 15.29
N MET B 29 29.57 -21.22 14.61
CA MET B 29 28.14 -20.88 14.55
C MET B 29 27.34 -21.91 13.74
N HIS B 30 28.00 -22.62 12.84
CA HIS B 30 27.31 -23.65 12.07
C HIS B 30 26.84 -24.81 12.99
N GLN B 31 27.74 -25.27 13.85
CA GLN B 31 27.44 -26.31 14.83
C GLN B 31 26.34 -25.87 15.79
N LEU B 32 26.44 -24.62 16.26
CA LEU B 32 25.48 -24.09 17.23
C LEU B 32 24.08 -23.97 16.62
N LEU B 33 24.02 -23.42 15.41
CA LEU B 33 22.77 -23.24 14.71
C LEU B 33 22.20 -24.60 14.28
N THR B 34 23.06 -25.56 13.97
CA THR B 34 22.62 -26.91 13.69
C THR B 34 21.99 -27.56 14.92
N GLU B 35 22.63 -27.39 16.09
CA GLU B 35 22.05 -27.83 17.35
C GLU B 35 20.67 -27.20 17.63
N LEU B 36 20.59 -25.88 17.50
CA LEU B 36 19.34 -25.15 17.68
C LEU B 36 18.21 -25.79 16.89
N VAL B 37 18.42 -25.94 15.59
CA VAL B 37 17.41 -26.47 14.68
C VAL B 37 17.09 -27.94 14.99
N ASN B 38 18.11 -28.74 15.25
CA ASN B 38 17.94 -30.16 15.58
C ASN B 38 17.10 -30.43 16.81
N ARG B 39 17.19 -29.50 17.77
CA ARG B 39 16.49 -29.68 19.03
C ARG B 39 15.11 -29.04 19.02
N GLY B 40 14.70 -28.61 17.83
CA GLY B 40 13.44 -27.91 17.68
C GLY B 40 13.46 -26.57 18.37
N GLY B 41 14.64 -26.04 18.66
CA GLY B 41 14.73 -24.77 19.34
C GLY B 41 14.28 -23.59 18.50
N SER B 42 14.08 -22.45 19.16
CA SER B 42 13.63 -21.24 18.49
C SER B 42 14.66 -20.11 18.64
N ASP B 43 15.40 -20.12 19.74
CA ASP B 43 16.35 -19.03 20.00
C ASP B 43 17.69 -19.52 20.49
N LEU B 44 18.75 -18.91 19.97
CA LEU B 44 20.11 -19.20 20.40
C LEU B 44 20.72 -17.93 20.97
N HIS B 45 21.17 -18.00 22.22
CA HIS B 45 21.73 -16.84 22.90
C HIS B 45 23.22 -16.97 23.06
N ILE B 46 23.92 -15.98 22.51
CA ILE B 46 25.38 -15.90 22.58
C ILE B 46 25.83 -14.68 23.39
N THR B 47 26.28 -14.89 24.61
CA THR B 47 26.72 -13.78 25.44
C THR B 47 27.80 -14.27 26.41
N THR B 48 28.59 -13.36 26.97
CA THR B 48 29.76 -13.77 27.74
C THR B 48 29.43 -14.32 29.12
N ASN B 49 30.29 -15.22 29.60
CA ASN B 49 30.22 -15.83 30.94
C ASN B 49 29.07 -16.81 31.08
N SER B 50 28.46 -17.15 29.95
CA SER B 50 27.45 -18.19 29.89
C SER B 50 27.84 -19.10 28.77
N PRO B 51 27.49 -20.39 28.87
CA PRO B 51 27.63 -21.17 27.63
C PRO B 51 26.59 -20.69 26.63
N PRO B 52 26.73 -21.06 25.36
CA PRO B 52 25.61 -20.78 24.44
C PRO B 52 24.32 -21.36 25.01
N GLN B 53 23.19 -20.68 24.82
CA GLN B 53 21.92 -21.18 25.35
C GLN B 53 20.85 -21.22 24.28
N ILE B 54 20.05 -22.28 24.27
CA ILE B 54 18.95 -22.39 23.32
C ILE B 54 17.59 -22.42 24.01
N ARG B 55 16.60 -21.83 23.36
CA ARG B 55 15.26 -21.94 23.87
C ARG B 55 14.50 -22.97 23.05
N VAL B 56 14.02 -23.99 23.73
CA VAL B 56 13.15 -24.97 23.11
C VAL B 56 11.78 -24.90 23.80
N ASP B 57 10.75 -24.61 23.02
CA ASP B 57 9.37 -24.50 23.50
C ASP B 57 9.27 -23.72 24.83
N GLY B 58 9.92 -22.55 24.89
CA GLY B 58 9.87 -21.69 26.06
C GLY B 58 11.00 -21.82 27.08
N GLN B 59 11.59 -23.00 27.22
CA GLN B 59 12.61 -23.24 28.26
C GLN B 59 14.02 -22.86 27.78
N LEU B 60 14.73 -22.07 28.57
CA LEU B 60 16.12 -21.72 28.27
C LEU B 60 17.06 -22.80 28.76
N ILE B 61 17.93 -23.28 27.89
CA ILE B 61 18.78 -24.42 28.20
C ILE B 61 20.24 -24.17 27.85
N PRO B 62 21.12 -24.18 28.85
CA PRO B 62 22.54 -24.04 28.52
C PRO B 62 23.09 -25.29 27.84
N LEU B 63 23.82 -25.12 26.74
CA LEU B 63 24.53 -26.24 26.12
C LEU B 63 25.64 -26.70 27.04
N GLU B 64 26.07 -27.95 26.90
CA GLU B 64 27.21 -28.40 27.70
C GLU B 64 28.50 -27.99 27.03
N MET B 65 28.84 -26.72 27.21
CA MET B 65 30.08 -26.15 26.72
C MET B 65 30.61 -25.25 27.80
N PRO B 66 31.87 -24.88 27.71
CA PRO B 66 32.34 -23.92 28.71
C PRO B 66 31.70 -22.51 28.53
N PRO B 67 31.82 -21.63 29.55
CA PRO B 67 31.26 -20.29 29.36
C PRO B 67 31.99 -19.52 28.27
N LEU B 68 31.26 -18.73 27.51
CA LEU B 68 31.88 -17.90 26.47
C LEU B 68 32.66 -16.72 27.05
N ASN B 69 33.80 -16.38 26.43
CA ASN B 69 34.48 -15.11 26.70
C ASN B 69 34.19 -14.08 25.60
N ALA B 70 34.70 -12.85 25.79
CA ALA B 70 34.43 -11.75 24.86
C ALA B 70 34.92 -12.04 23.45
N VAL B 71 36.04 -12.76 23.35
CA VAL B 71 36.57 -13.15 22.05
C VAL B 71 35.57 -14.10 21.37
N ASP B 72 35.15 -15.15 22.07
CA ASP B 72 34.13 -16.09 21.55
C ASP B 72 32.93 -15.40 20.94
N THR B 73 32.37 -14.47 21.66
CA THR B 73 31.18 -13.78 21.25
C THR B 73 31.31 -12.99 19.99
N LYS B 74 32.42 -12.30 19.84
CA LYS B 74 32.63 -11.53 18.66
C LYS B 74 32.88 -12.41 17.44
N GLN B 75 33.58 -13.49 17.62
CA GLN B 75 33.87 -14.36 16.52
C GLN B 75 32.66 -15.10 16.07
N LEU B 76 31.82 -15.52 16.99
CA LEU B 76 30.65 -16.22 16.62
C LEU B 76 29.68 -15.34 15.90
N CYS B 77 29.42 -14.20 16.46
CA CYS B 77 28.47 -13.29 15.86
C CYS B 77 28.97 -12.76 14.54
N TYR B 78 30.26 -12.49 14.45
CA TYR B 78 30.85 -11.93 13.26
C TYR B 78 30.93 -12.91 12.12
N SER B 79 30.99 -14.16 12.47
CA SER B 79 31.11 -15.21 11.47
C SER B 79 29.88 -15.27 10.55
N ILE B 80 28.72 -14.82 11.01
CA ILE B 80 27.56 -14.80 10.12
C ILE B 80 27.29 -13.42 9.50
N LEU B 81 28.33 -12.57 9.45
CA LEU B 81 28.18 -11.20 8.92
C LEU B 81 29.03 -10.95 7.67
N THR B 82 28.54 -10.08 6.80
CA THR B 82 29.34 -9.52 5.71
C THR B 82 30.17 -8.35 6.25
N GLU B 83 31.09 -7.86 5.44
CA GLU B 83 31.93 -6.76 5.89
C GLU B 83 31.14 -5.46 6.03
N GLN B 84 30.15 -5.25 5.16
CA GLN B 84 29.31 -4.07 5.26
C GLN B 84 28.55 -4.10 6.57
N GLN B 85 28.00 -5.27 6.90
CA GLN B 85 27.23 -5.48 8.13
C GLN B 85 28.09 -5.27 9.38
N LYS B 86 29.34 -5.74 9.32
CA LYS B 86 30.29 -5.53 10.40
C LYS B 86 30.50 -4.03 10.64
N HIS B 87 30.89 -3.30 9.60
CA HIS B 87 31.02 -1.85 9.70
C HIS B 87 29.77 -1.20 10.30
N LYS B 88 28.60 -1.62 9.83
CA LYS B 88 27.36 -0.98 10.25
C LYS B 88 27.16 -1.17 11.76
N PHE B 89 27.53 -2.36 12.25
CA PHE B 89 27.39 -2.70 13.66
C PHE B 89 28.42 -1.98 14.54
N GLU B 90 29.60 -1.74 13.99
CA GLU B 90 30.65 -1.10 14.75
C GLU B 90 30.44 0.41 14.81
N GLU B 91 29.61 0.93 13.91
CA GLU B 91 29.26 2.32 13.97
C GLU B 91 28.05 2.57 14.88
N ALA B 92 27.21 1.56 15.05
CA ALA B 92 25.91 1.73 15.68
C ALA B 92 25.79 1.02 17.02
N ASN B 93 26.48 -0.12 17.15
CA ASN B 93 26.40 -1.04 18.29
C ASN B 93 25.04 -1.73 18.30
N GLU B 94 24.40 -1.71 17.13
CA GLU B 94 23.18 -2.47 16.89
C GLU B 94 23.23 -3.06 15.50
N LEU B 95 22.81 -4.31 15.34
CA LEU B 95 22.61 -4.88 14.02
C LEU B 95 21.53 -5.94 14.03
N ASP B 96 20.59 -5.78 13.11
CA ASP B 96 19.57 -6.77 12.98
C ASP B 96 19.63 -7.32 11.58
N LEU B 97 19.47 -8.64 11.43
CA LEU B 97 19.48 -9.19 10.06
C LEU B 97 18.87 -10.58 9.91
N SER B 98 18.63 -10.94 8.65
CA SER B 98 18.33 -12.31 8.28
C SER B 98 19.52 -12.89 7.53
N PHE B 99 19.68 -14.21 7.63
CA PHE B 99 20.65 -14.96 6.84
C PHE B 99 20.14 -16.40 6.73
N GLY B 100 20.68 -17.15 5.77
CA GLY B 100 20.38 -18.56 5.63
C GLY B 100 21.64 -19.40 5.66
N ILE B 101 21.63 -20.50 6.39
CA ILE B 101 22.65 -21.53 6.25
C ILE B 101 22.11 -22.57 5.27
N LYS B 102 22.88 -22.87 4.24
CA LYS B 102 22.39 -23.75 3.16
C LYS B 102 22.15 -25.18 3.64
N GLY B 103 20.96 -25.70 3.37
CA GLY B 103 20.60 -27.04 3.79
C GLY B 103 20.28 -27.18 5.27
N LEU B 104 20.10 -26.05 5.95
CA LEU B 104 19.74 -26.04 7.36
C LEU B 104 18.45 -25.24 7.63
N SER B 105 18.57 -23.92 7.60
CA SER B 105 17.43 -23.06 7.86
C SER B 105 17.78 -21.62 7.52
N ARG B 106 16.77 -20.76 7.53
CA ARG B 106 17.00 -19.31 7.48
C ARG B 106 16.85 -18.78 8.90
N PHE B 107 17.59 -17.73 9.23
CA PHE B 107 17.54 -17.23 10.59
C PHE B 107 17.35 -15.72 10.66
N ARG B 108 17.01 -15.23 11.85
CA ARG B 108 17.16 -13.82 12.16
C ARG B 108 18.33 -13.70 13.12
N GLY B 109 18.98 -12.56 13.10
CA GLY B 109 20.08 -12.35 14.00
C GLY B 109 19.95 -10.98 14.59
N ASN B 110 20.36 -10.87 15.84
CA ASN B 110 20.50 -9.55 16.41
C ASN B 110 21.81 -9.50 17.15
N VAL B 111 22.61 -8.50 16.84
CA VAL B 111 23.92 -8.38 17.45
C VAL B 111 23.98 -7.03 18.13
N PHE B 112 24.55 -6.98 19.32
CA PHE B 112 24.59 -5.73 20.09
C PHE B 112 25.74 -5.77 21.09
N ILE B 113 25.89 -4.73 21.90
CA ILE B 113 26.92 -4.64 22.91
C ILE B 113 26.30 -4.57 24.29
N GLN B 114 26.83 -5.38 25.18
CA GLN B 114 26.39 -5.48 26.53
C GLN B 114 27.66 -5.47 27.35
N ARG B 115 27.76 -4.58 28.31
CA ARG B 115 28.93 -4.51 29.18
C ARG B 115 30.28 -4.54 28.50
N GLY B 116 30.40 -3.84 27.39
CA GLY B 116 31.62 -3.80 26.65
C GLY B 116 31.91 -4.99 25.76
N ALA B 117 31.00 -5.94 25.64
CA ALA B 117 31.24 -7.12 24.84
C ALA B 117 30.14 -7.41 23.86
N VAL B 118 30.47 -8.13 22.83
CA VAL B 118 29.51 -8.50 21.82
C VAL B 118 28.53 -9.52 22.34
N ALA B 119 27.28 -9.35 21.99
CA ALA B 119 26.23 -10.28 22.35
C ALA B 119 25.29 -10.50 21.15
N GLY B 120 24.66 -11.67 21.09
CA GLY B 120 23.81 -12.01 19.97
C GLY B 120 22.58 -12.85 20.26
N VAL B 121 21.51 -12.59 19.50
CA VAL B 121 20.34 -13.43 19.59
C VAL B 121 20.01 -13.89 18.19
N PHE B 122 19.83 -15.21 18.05
CA PHE B 122 19.60 -15.81 16.76
C PHE B 122 18.30 -16.63 16.83
N ARG B 123 17.43 -16.43 15.83
CA ARG B 123 16.12 -17.08 15.85
C ARG B 123 15.81 -17.83 14.55
N VAL B 124 15.31 -19.05 14.70
CA VAL B 124 14.93 -19.83 13.55
C VAL B 124 13.79 -19.16 12.78
N ILE B 125 13.96 -19.04 11.46
CA ILE B 125 12.86 -18.68 10.60
C ILE B 125 12.34 -19.95 9.98
N PRO B 126 11.11 -20.35 10.34
CA PRO B 126 10.61 -21.65 9.91
C PRO B 126 10.22 -21.67 8.43
N TYR B 127 10.54 -22.76 7.74
CA TYR B 127 10.08 -22.99 6.38
C TYR B 127 8.55 -23.06 6.34
N LYS B 128 8.01 -23.82 7.27
CA LYS B 128 6.61 -24.19 7.22
C LYS B 128 5.76 -23.25 8.07
N ILE B 129 4.83 -22.59 7.39
CA ILE B 129 3.95 -21.61 8.01
C ILE B 129 2.80 -22.29 8.74
N LEU B 130 2.50 -21.83 9.95
CA LEU B 130 1.34 -22.32 10.68
C LEU B 130 0.04 -21.93 9.98
N THR B 131 -0.87 -22.88 9.87
CA THR B 131 -2.19 -22.66 9.26
C THR B 131 -3.20 -22.07 10.27
N PHE B 132 -4.36 -21.64 9.79
CA PHE B 132 -5.42 -21.12 10.65
C PHE B 132 -5.87 -22.16 11.66
N GLU B 133 -6.03 -23.39 11.19
CA GLU B 133 -6.44 -24.51 12.04
C GLU B 133 -5.46 -24.64 13.20
N GLU B 134 -4.18 -24.54 12.87
CA GLU B 134 -3.11 -24.72 13.84
C GLU B 134 -3.04 -23.56 14.83
N LEU B 135 -3.24 -22.35 14.33
CA LEU B 135 -3.23 -21.16 15.18
C LEU B 135 -4.52 -21.04 15.99
N GLY B 136 -5.45 -21.97 15.73
CA GLY B 136 -6.78 -21.96 16.33
C GLY B 136 -7.57 -20.69 16.04
N LEU B 137 -7.37 -20.14 14.84
CA LEU B 137 -8.11 -18.98 14.35
C LEU B 137 -9.47 -19.41 13.78
N PRO B 138 -10.49 -18.57 13.97
CA PRO B 138 -11.84 -18.94 13.54
C PRO B 138 -12.02 -18.81 12.01
N VAL B 139 -12.97 -19.54 11.46
CA VAL B 139 -13.24 -19.60 10.02
C VAL B 139 -13.30 -18.25 9.35
N VAL B 140 -13.89 -17.27 10.03
CA VAL B 140 -14.05 -15.95 9.45
C VAL B 140 -12.72 -15.36 8.98
N VAL B 141 -11.62 -15.75 9.64
CA VAL B 141 -10.29 -15.25 9.28
C VAL B 141 -9.89 -15.79 7.92
N LYS B 142 -10.15 -17.08 7.69
CA LYS B 142 -9.99 -17.69 6.38
C LYS B 142 -10.82 -16.99 5.29
N GLU B 143 -12.04 -16.60 5.63
CA GLU B 143 -12.91 -15.96 4.64
C GLU B 143 -12.42 -14.56 4.29
N LEU B 144 -11.82 -13.89 5.26
CA LEU B 144 -11.20 -12.60 5.00
C LEU B 144 -10.07 -12.80 4.00
N ALA B 145 -9.37 -13.93 4.11
CA ALA B 145 -8.23 -14.21 3.25
C ALA B 145 -8.66 -14.47 1.79
N GLU B 146 -9.96 -14.45 1.57
CA GLU B 146 -10.54 -14.67 0.25
C GLU B 146 -11.10 -13.40 -0.37
N LYS B 147 -11.06 -12.31 0.41
CA LYS B 147 -11.47 -11.00 -0.07
C LYS B 147 -10.58 -10.56 -1.21
N PRO B 148 -11.16 -10.26 -2.37
CA PRO B 148 -10.39 -9.83 -3.55
C PRO B 148 -9.78 -8.43 -3.43
N ARG B 149 -10.39 -7.55 -2.63
CA ARG B 149 -10.00 -6.14 -2.55
C ARG B 149 -10.16 -5.57 -1.17
N GLY B 150 -9.57 -4.40 -0.98
CA GLY B 150 -9.88 -3.61 0.19
C GLY B 150 -8.82 -3.65 1.26
N LEU B 151 -9.22 -3.17 2.42
CA LEU B 151 -8.34 -2.99 3.55
C LEU B 151 -8.61 -4.03 4.62
N ILE B 152 -7.59 -4.75 5.03
CA ILE B 152 -7.73 -5.71 6.15
C ILE B 152 -6.72 -5.33 7.23
N LEU B 153 -7.22 -5.02 8.42
CA LEU B 153 -6.37 -4.56 9.52
C LEU B 153 -6.20 -5.65 10.56
N VAL B 154 -4.96 -6.10 10.75
CA VAL B 154 -4.69 -7.00 11.85
C VAL B 154 -3.94 -6.18 12.89
N THR B 155 -4.32 -6.33 14.15
CA THR B 155 -4.16 -5.28 15.13
C THR B 155 -3.76 -5.84 16.51
N GLY B 156 -3.00 -5.05 17.27
CA GLY B 156 -2.58 -5.46 18.60
C GLY B 156 -1.12 -5.10 18.87
N PRO B 157 -0.64 -5.41 20.09
CA PRO B 157 0.79 -5.21 20.39
C PRO B 157 1.69 -6.15 19.57
N THR B 158 2.83 -5.66 19.12
CA THR B 158 3.78 -6.52 18.46
C THR B 158 4.14 -7.65 19.41
N GLY B 159 4.04 -8.89 18.93
CA GLY B 159 4.21 -10.03 19.81
C GLY B 159 2.89 -10.62 20.29
N SER B 160 1.80 -10.23 19.63
CA SER B 160 0.50 -10.80 19.97
C SER B 160 0.00 -11.68 18.84
N GLY B 161 0.93 -12.19 18.04
CA GLY B 161 0.63 -13.12 16.98
C GLY B 161 0.11 -12.47 15.71
N LYS B 162 0.32 -11.16 15.57
CA LYS B 162 -0.04 -10.48 14.34
C LYS B 162 0.70 -11.09 13.14
N SER B 163 1.97 -11.40 13.33
CA SER B 163 2.82 -11.93 12.26
C SER B 163 2.44 -13.35 11.82
N THR B 164 2.11 -14.23 12.77
CA THR B 164 1.62 -15.57 12.43
C THR B 164 0.24 -15.53 11.77
N THR B 165 -0.56 -14.52 12.08
CA THR B 165 -1.87 -14.39 11.46
C THR B 165 -1.72 -13.88 10.03
N LEU B 166 -0.93 -12.83 9.84
CA LEU B 166 -0.63 -12.33 8.49
C LEU B 166 0.03 -13.39 7.60
N ALA B 167 0.95 -14.15 8.19
CA ALA B 167 1.69 -15.15 7.43
C ALA B 167 0.74 -16.22 6.90
N ALA B 168 -0.27 -16.57 7.69
CA ALA B 168 -1.23 -17.63 7.33
C ALA B 168 -2.12 -17.14 6.21
N ILE B 169 -2.52 -15.88 6.30
CA ILE B 169 -3.34 -15.24 5.28
C ILE B 169 -2.59 -15.20 3.96
N ILE B 170 -1.38 -14.65 4.00
CA ILE B 170 -0.55 -14.53 2.81
C ILE B 170 -0.22 -15.89 2.19
N ASP B 171 0.09 -16.88 3.04
CA ASP B 171 0.28 -18.26 2.58
C ASP B 171 -0.94 -18.79 1.81
N LYS B 172 -2.13 -18.46 2.28
CA LYS B 172 -3.36 -18.90 1.62
C LYS B 172 -3.57 -18.18 0.30
N ILE B 173 -3.28 -16.89 0.29
CA ILE B 173 -3.39 -16.10 -0.92
C ILE B 173 -2.40 -16.62 -1.97
N ASN B 174 -1.15 -16.79 -1.54
CA ASN B 174 -0.10 -17.37 -2.37
C ASN B 174 -0.45 -18.78 -2.95
N THR B 175 -1.28 -19.51 -2.23
CA THR B 175 -1.64 -20.86 -2.66
C THR B 175 -2.78 -20.81 -3.67
N GLU B 176 -3.66 -19.83 -3.50
CA GLU B 176 -4.91 -19.79 -4.25
C GLU B 176 -4.97 -18.78 -5.40
N ARG B 177 -4.16 -17.74 -5.37
CA ARG B 177 -4.26 -16.75 -6.45
C ARG B 177 -3.03 -16.72 -7.34
N HIS B 178 -3.20 -16.17 -8.54
CA HIS B 178 -2.05 -15.90 -9.40
C HIS B 178 -1.78 -14.38 -9.42
N ASP B 179 -1.36 -13.87 -8.28
CA ASP B 179 -1.16 -12.45 -8.04
C ASP B 179 0.29 -12.09 -7.75
N HIS B 180 0.54 -10.80 -7.63
CA HIS B 180 1.82 -10.27 -7.19
C HIS B 180 1.64 -9.83 -5.76
N ILE B 181 2.43 -10.38 -4.87
CA ILE B 181 2.36 -10.04 -3.50
C ILE B 181 3.61 -9.34 -3.11
N VAL B 182 3.50 -8.11 -2.68
CA VAL B 182 4.63 -7.32 -2.25
C VAL B 182 4.45 -6.99 -0.81
N THR B 183 5.49 -7.20 -0.05
CA THR B 183 5.44 -7.03 1.36
C THR B 183 6.50 -6.07 1.86
N ILE B 184 6.15 -5.26 2.84
CA ILE B 184 7.07 -4.31 3.45
C ILE B 184 7.03 -4.59 4.94
N GLU B 185 8.11 -5.13 5.47
CA GLU B 185 8.18 -5.61 6.84
C GLU B 185 9.29 -5.08 7.73
N ASP B 186 8.99 -4.82 8.99
CA ASP B 186 10.01 -4.34 9.89
C ASP B 186 10.06 -5.08 11.22
N PRO B 187 10.64 -6.28 11.22
CA PRO B 187 11.31 -6.89 10.08
C PRO B 187 10.43 -7.94 9.40
N ILE B 188 10.99 -8.65 8.42
CA ILE B 188 10.32 -9.81 7.85
C ILE B 188 10.27 -10.94 8.87
N GLU B 189 9.10 -11.49 9.16
CA GLU B 189 9.01 -12.52 10.20
C GLU B 189 8.97 -13.93 9.60
N TYR B 190 8.13 -14.15 8.59
CA TYR B 190 8.09 -15.45 7.91
C TYR B 190 8.33 -15.24 6.43
N LEU B 191 9.12 -16.10 5.83
CA LEU B 191 9.51 -15.97 4.43
C LEU B 191 8.58 -16.82 3.53
N HIS B 192 8.21 -16.29 2.37
CA HIS B 192 7.32 -17.05 1.51
C HIS B 192 7.97 -17.45 0.20
N PRO B 193 8.04 -18.76 -0.05
CA PRO B 193 8.43 -19.26 -1.37
C PRO B 193 7.33 -18.92 -2.41
N HIS B 194 7.66 -18.76 -3.69
CA HIS B 194 6.61 -18.61 -4.68
C HIS B 194 5.77 -19.90 -4.78
N LYS B 195 4.47 -19.77 -4.59
CA LYS B 195 3.56 -20.85 -4.91
C LYS B 195 2.84 -20.44 -6.21
N SER B 196 1.57 -20.01 -6.13
CA SER B 196 0.91 -19.53 -7.33
C SER B 196 1.12 -18.02 -7.55
N CYS B 197 1.48 -17.31 -6.49
CA CYS B 197 1.75 -15.88 -6.59
C CYS B 197 3.24 -15.63 -6.81
N VAL B 198 3.58 -14.40 -7.16
CA VAL B 198 4.97 -13.95 -7.17
C VAL B 198 5.11 -13.16 -5.88
N VAL B 199 6.10 -13.50 -5.05
CA VAL B 199 6.18 -12.86 -3.75
C VAL B 199 7.50 -12.09 -3.60
N ASN B 200 7.38 -10.78 -3.41
CA ASN B 200 8.52 -9.90 -3.18
C ASN B 200 8.42 -9.29 -1.79
N GLN B 201 9.38 -9.62 -0.93
CA GLN B 201 9.32 -9.22 0.47
C GLN B 201 10.45 -8.25 0.77
N ARG B 202 10.10 -7.02 1.13
CA ARG B 202 11.11 -6.00 1.41
C ARG B 202 11.28 -5.74 2.92
N GLU B 203 12.49 -5.94 3.44
CA GLU B 203 12.70 -5.67 4.86
C GLU B 203 13.18 -4.24 5.07
N VAL B 204 12.44 -3.50 5.87
CA VAL B 204 12.82 -2.14 6.20
C VAL B 204 14.19 -2.12 6.90
N GLY B 205 15.03 -1.16 6.53
CA GLY B 205 16.34 -1.01 7.12
C GLY B 205 17.42 -1.86 6.47
N ALA B 206 17.05 -2.58 5.42
CA ALA B 206 17.97 -3.49 4.75
C ALA B 206 17.66 -3.50 3.25
N ASP B 207 16.45 -3.92 2.88
CA ASP B 207 16.04 -3.90 1.48
C ASP B 207 15.57 -2.51 1.06
N THR B 208 15.02 -1.79 2.03
CA THR B 208 14.49 -0.46 1.81
C THR B 208 14.76 0.37 3.05
N LYS B 209 14.90 1.68 2.89
CA LYS B 209 15.41 2.53 3.97
C LYS B 209 14.33 2.86 4.99
N SER B 210 13.09 2.65 4.58
CA SER B 210 11.96 3.05 5.39
C SER B 210 10.66 2.66 4.70
N PHE B 211 9.59 2.62 5.49
CA PHE B 211 8.27 2.45 4.97
C PHE B 211 7.98 3.54 3.94
N LYS B 212 8.36 4.77 4.28
CA LYS B 212 8.13 5.91 3.40
C LYS B 212 8.61 5.62 1.98
N ASN B 213 9.89 5.23 1.90
CA ASN B 213 10.51 4.90 0.64
C ASN B 213 9.84 3.74 -0.09
N ALA B 214 9.67 2.61 0.59
CA ALA B 214 9.11 1.41 -0.05
C ALA B 214 7.72 1.69 -0.64
N LEU B 215 6.99 2.60 0.00
CA LEU B 215 5.64 2.92 -0.41
C LEU B 215 5.61 4.01 -1.48
N LYS B 216 6.71 4.73 -1.63
CA LYS B 216 6.78 5.74 -2.66
C LYS B 216 6.66 5.12 -4.03
N TYR B 217 7.09 3.86 -4.15
CA TYR B 217 7.10 3.25 -5.47
C TYR B 217 6.24 1.99 -5.59
N ILE B 218 5.51 1.67 -4.52
CA ILE B 218 4.69 0.46 -4.49
C ILE B 218 3.69 0.40 -5.67
N LEU B 219 3.15 1.55 -6.07
CA LEU B 219 2.20 1.59 -7.17
C LEU B 219 2.90 1.42 -8.50
N ARG B 220 4.22 1.46 -8.49
CA ARG B 220 4.99 1.29 -9.72
C ARG B 220 5.57 -0.12 -9.79
N GLN B 221 5.17 -0.97 -8.85
CA GLN B 221 5.69 -2.32 -8.79
C GLN B 221 4.63 -3.36 -9.17
N ASP B 222 3.56 -2.91 -9.81
CA ASP B 222 2.45 -3.79 -10.22
C ASP B 222 1.99 -4.86 -9.21
N PRO B 223 1.71 -4.46 -7.95
CA PRO B 223 1.22 -5.47 -7.00
C PRO B 223 -0.31 -5.73 -7.10
N ASP B 224 -0.75 -6.77 -6.40
CA ASP B 224 -2.17 -7.08 -6.28
C ASP B 224 -2.56 -7.13 -4.81
N VAL B 225 -1.63 -7.66 -4.02
CA VAL B 225 -1.74 -7.77 -2.56
C VAL B 225 -0.52 -7.12 -1.94
N VAL B 226 -0.75 -6.23 -0.97
CA VAL B 226 0.34 -5.49 -0.33
C VAL B 226 0.28 -5.58 1.16
N LEU B 227 1.37 -6.02 1.77
CA LEU B 227 1.42 -6.03 3.22
C LEU B 227 2.23 -4.84 3.63
N VAL B 228 1.54 -3.90 4.25
CA VAL B 228 2.18 -2.76 4.86
C VAL B 228 2.40 -3.02 6.34
N GLY B 229 3.67 -3.12 6.72
CA GLY B 229 4.05 -3.45 8.09
C GLY B 229 3.24 -2.86 9.22
N GLU B 230 3.23 -1.53 9.36
CA GLU B 230 2.52 -0.84 10.44
C GLU B 230 2.06 0.52 9.96
N LEU B 231 0.87 0.94 10.37
CA LEU B 231 0.38 2.26 10.01
C LEU B 231 0.86 3.32 11.01
N ARG B 232 2.14 3.68 10.91
CA ARG B 232 2.78 4.66 11.78
C ARG B 232 2.16 6.05 11.70
N ASP B 233 2.25 6.61 10.51
CA ASP B 233 1.98 8.02 10.28
C ASP B 233 0.93 8.23 9.21
N LEU B 234 0.65 9.50 8.91
CA LEU B 234 -0.35 9.88 7.91
C LEU B 234 -0.03 9.35 6.52
N GLU B 235 1.25 9.45 6.15
CA GLU B 235 1.71 9.05 4.84
C GLU B 235 1.39 7.59 4.55
N THR B 236 1.56 6.75 5.56
CA THR B 236 1.40 5.32 5.44
C THR B 236 -0.07 4.92 5.36
N ILE B 237 -0.89 5.51 6.25
CA ILE B 237 -2.33 5.34 6.22
C ILE B 237 -2.92 5.72 4.84
N GLU B 238 -2.51 6.88 4.34
CA GLU B 238 -2.95 7.33 3.02
C GLU B 238 -2.57 6.37 1.90
N ALA B 239 -1.37 5.78 1.98
CA ALA B 239 -0.90 4.82 0.98
C ALA B 239 -1.68 3.50 1.07
N ALA B 240 -1.92 3.04 2.30
CA ALA B 240 -2.78 1.89 2.53
C ALA B 240 -4.19 2.09 1.94
N LEU B 241 -4.81 3.21 2.30
CA LEU B 241 -6.13 3.59 1.79
C LEU B 241 -6.16 3.70 0.28
N THR B 242 -5.10 4.26 -0.28
CA THR B 242 -4.99 4.42 -1.72
C THR B 242 -4.94 3.08 -2.43
N LEU B 243 -4.23 2.14 -1.83
CA LEU B 243 -4.12 0.81 -2.35
C LEU B 243 -5.48 0.10 -2.33
N ALA B 244 -6.15 0.16 -1.19
CA ALA B 244 -7.47 -0.47 -1.04
C ALA B 244 -8.57 0.21 -1.87
N GLU B 245 -8.34 1.46 -2.24
CA GLU B 245 -9.34 2.21 -3.01
C GLU B 245 -9.30 1.84 -4.48
N THR B 246 -8.17 1.30 -4.90
CA THR B 246 -7.88 1.12 -6.31
C THR B 246 -7.83 -0.36 -6.72
N GLY B 247 -8.45 -1.20 -5.90
CA GLY B 247 -8.62 -2.59 -6.27
C GLY B 247 -7.58 -3.57 -5.77
N HIS B 248 -6.63 -3.12 -4.96
CA HIS B 248 -5.67 -4.06 -4.39
C HIS B 248 -6.19 -4.64 -3.09
N LEU B 249 -5.59 -5.72 -2.64
CA LEU B 249 -5.84 -6.16 -1.29
C LEU B 249 -4.71 -5.61 -0.44
N CYS B 250 -5.04 -4.70 0.48
CA CYS B 250 -4.04 -4.15 1.38
C CYS B 250 -4.16 -4.74 2.78
N LEU B 251 -3.08 -5.36 3.23
CA LEU B 251 -2.97 -5.88 4.59
C LEU B 251 -2.14 -4.91 5.44
N ALA B 252 -2.65 -4.58 6.62
CA ALA B 252 -1.91 -3.65 7.46
C ALA B 252 -2.22 -3.84 8.95
N THR B 253 -1.49 -3.08 9.75
CA THR B 253 -1.29 -3.33 11.16
C THR B 253 -1.39 -2.05 11.97
N LEU B 254 -1.99 -2.16 13.14
CA LEU B 254 -2.04 -1.06 14.07
C LEU B 254 -1.78 -1.60 15.47
N HIS B 255 -1.21 -0.79 16.33
CA HIS B 255 -0.96 -1.18 17.71
C HIS B 255 -2.19 -0.84 18.57
N THR B 256 -3.37 -1.30 18.19
CA THR B 256 -4.57 -0.98 18.96
C THR B 256 -5.29 -2.23 19.46
N ASN B 257 -6.28 -2.07 20.34
CA ASN B 257 -6.81 -3.22 21.04
C ASN B 257 -8.29 -3.54 20.82
N SER B 258 -8.92 -2.85 19.89
CA SER B 258 -10.31 -3.16 19.55
C SER B 258 -10.62 -2.62 18.16
N ALA B 259 -11.70 -3.09 17.55
CA ALA B 259 -12.09 -2.57 16.25
C ALA B 259 -12.33 -1.05 16.34
N VAL B 260 -13.03 -0.64 17.40
CA VAL B 260 -13.44 0.75 17.60
C VAL B 260 -12.23 1.66 17.81
N GLN B 261 -11.35 1.24 18.71
CA GLN B 261 -10.10 1.96 18.97
C GLN B 261 -9.24 2.09 17.70
N THR B 262 -9.22 1.03 16.90
CA THR B 262 -8.51 1.02 15.62
C THR B 262 -9.04 2.06 14.63
N ILE B 263 -10.36 2.06 14.41
CA ILE B 263 -10.99 2.97 13.44
C ILE B 263 -10.84 4.43 13.89
N ASN B 264 -11.10 4.69 15.17
CA ASN B 264 -10.86 6.01 15.73
C ASN B 264 -9.44 6.47 15.50
N ARG B 265 -8.48 5.60 15.82
CA ARG B 265 -7.07 5.90 15.65
C ARG B 265 -6.73 6.30 14.22
N ILE B 266 -7.31 5.62 13.25
CA ILE B 266 -7.00 5.90 11.87
C ILE B 266 -7.51 7.28 11.46
N VAL B 267 -8.70 7.65 11.92
CA VAL B 267 -9.30 8.96 11.59
C VAL B 267 -8.66 10.13 12.35
N ASP B 268 -8.33 9.88 13.61
CA ASP B 268 -8.02 10.96 14.54
C ASP B 268 -6.65 11.62 14.35
N VAL B 269 -5.70 10.90 13.73
CA VAL B 269 -4.35 11.42 13.53
C VAL B 269 -4.30 12.40 12.37
N PHE B 270 -5.42 12.52 11.68
CA PHE B 270 -5.56 13.45 10.56
C PHE B 270 -6.06 14.83 10.99
N PRO B 271 -5.64 15.86 10.24
CA PRO B 271 -6.27 17.18 10.36
C PRO B 271 -7.80 17.05 10.36
N PRO B 272 -8.48 17.83 11.22
CA PRO B 272 -9.94 17.81 11.32
C PRO B 272 -10.65 17.97 9.96
N TYR B 273 -10.09 18.76 9.04
CA TYR B 273 -10.77 18.98 7.76
C TYR B 273 -10.75 17.75 6.86
N GLN B 274 -9.94 16.75 7.22
CA GLN B 274 -9.78 15.55 6.40
C GLN B 274 -10.51 14.34 6.98
N GLN B 275 -10.96 14.46 8.22
CA GLN B 275 -11.59 13.34 8.90
C GLN B 275 -12.88 12.83 8.19
N PRO B 276 -13.77 13.74 7.72
CA PRO B 276 -14.87 13.32 6.83
C PRO B 276 -14.48 12.49 5.59
N GLN B 277 -13.40 12.88 4.91
CA GLN B 277 -12.91 12.12 3.76
C GLN B 277 -12.49 10.72 4.18
N VAL B 278 -11.62 10.68 5.21
CA VAL B 278 -10.98 9.46 5.65
C VAL B 278 -12.02 8.50 6.21
N ARG B 279 -13.00 9.04 6.92
CA ARG B 279 -14.14 8.26 7.34
C ARG B 279 -14.84 7.60 6.15
N ALA B 280 -15.09 8.41 5.13
CA ALA B 280 -15.74 7.97 3.91
C ALA B 280 -14.91 6.89 3.22
N GLN B 281 -13.62 7.14 3.01
CA GLN B 281 -12.70 6.14 2.47
C GLN B 281 -12.74 4.85 3.27
N LEU B 282 -12.56 4.94 4.59
CA LEU B 282 -12.62 3.77 5.44
C LEU B 282 -13.92 2.97 5.28
N SER B 283 -15.05 3.67 5.20
CA SER B 283 -16.34 2.98 5.09
C SER B 283 -16.47 2.27 3.74
N PHE B 284 -15.79 2.79 2.72
CA PHE B 284 -15.79 2.14 1.42
C PHE B 284 -14.84 0.96 1.37
N VAL B 285 -13.64 1.10 1.90
CA VAL B 285 -12.60 0.11 1.63
C VAL B 285 -12.37 -0.93 2.72
N LEU B 286 -12.83 -0.67 3.93
CA LEU B 286 -12.53 -1.57 5.04
C LEU B 286 -13.23 -2.93 4.85
N GLU B 287 -12.50 -4.02 4.99
CA GLU B 287 -13.10 -5.33 4.76
C GLU B 287 -13.06 -6.17 6.01
N GLY B 288 -12.23 -5.79 6.96
CA GLY B 288 -12.14 -6.53 8.21
C GLY B 288 -11.15 -5.93 9.18
N VAL B 289 -11.47 -6.04 10.46
CA VAL B 289 -10.58 -5.60 11.51
C VAL B 289 -10.44 -6.66 12.58
N MET B 290 -9.22 -7.15 12.73
CA MET B 290 -8.91 -8.18 13.69
C MET B 290 -8.02 -7.65 14.79
N SER B 291 -8.42 -7.76 16.03
CA SER B 291 -7.56 -7.28 17.09
C SER B 291 -7.15 -8.44 17.95
N GLN B 292 -5.86 -8.57 18.17
CA GLN B 292 -5.33 -9.70 18.90
C GLN B 292 -4.63 -9.45 20.18
N THR B 293 -4.67 -10.43 21.05
CA THR B 293 -3.97 -10.41 22.30
C THR B 293 -3.63 -11.82 22.73
N LEU B 294 -2.41 -12.06 23.11
CA LEU B 294 -2.04 -13.38 23.54
C LEU B 294 -1.96 -13.38 25.06
N LEU B 295 -2.80 -14.16 25.69
CA LEU B 295 -2.90 -14.23 27.12
C LEU B 295 -2.32 -15.51 27.64
N PRO B 296 -1.91 -15.49 28.96
CA PRO B 296 -1.38 -16.76 29.46
C PRO B 296 -2.45 -17.82 29.73
N ASN B 297 -2.17 -19.06 29.40
CA ASN B 297 -3.08 -20.16 29.65
C ASN B 297 -3.05 -20.39 31.13
N VAL B 298 -4.04 -21.07 31.68
CA VAL B 298 -4.10 -21.27 33.11
C VAL B 298 -2.83 -21.96 33.55
N SER B 299 -2.33 -22.88 32.75
CA SER B 299 -1.05 -23.54 33.02
C SER B 299 0.03 -22.55 33.48
N GLY B 300 0.15 -21.44 32.75
CA GLY B 300 1.16 -20.43 33.01
C GLY B 300 2.33 -20.63 32.07
N LYS B 301 2.49 -21.89 31.63
CA LYS B 301 3.47 -22.27 30.63
C LYS B 301 2.79 -22.45 29.27
N GLY B 302 2.61 -21.35 28.55
CA GLY B 302 1.90 -21.36 27.29
C GLY B 302 1.05 -20.12 27.16
N ARG B 303 0.65 -19.77 25.94
CA ARG B 303 -0.22 -18.62 25.66
C ARG B 303 -1.39 -18.91 24.71
N VAL B 304 -2.52 -18.27 24.94
CA VAL B 304 -3.67 -18.46 24.08
C VAL B 304 -4.15 -17.13 23.49
N LEU B 305 -4.64 -17.18 22.27
CA LEU B 305 -5.11 -16.01 21.57
C LEU B 305 -6.54 -15.62 21.80
N ALA B 306 -6.77 -14.37 22.09
CA ALA B 306 -8.09 -13.85 22.27
C ALA B 306 -8.29 -12.89 21.11
N LEU B 307 -9.39 -13.02 20.41
CA LEU B 307 -9.64 -12.29 19.21
C LEU B 307 -10.89 -11.46 19.01
N GLU B 308 -10.71 -10.24 18.57
CA GLU B 308 -11.87 -9.41 18.25
C GLU B 308 -11.96 -9.28 16.75
N VAL B 309 -13.09 -9.72 16.18
CA VAL B 309 -13.27 -9.63 14.72
C VAL B 309 -14.41 -8.71 14.35
N MET B 310 -14.11 -7.70 13.55
CA MET B 310 -15.11 -6.82 13.00
C MET B 310 -15.15 -7.02 11.49
N VAL B 311 -16.31 -7.38 10.94
CA VAL B 311 -16.50 -7.47 9.50
C VAL B 311 -17.59 -6.51 9.06
N PRO B 312 -17.21 -5.47 8.30
CA PRO B 312 -18.15 -4.43 7.88
C PRO B 312 -19.41 -4.98 7.21
N ASN B 313 -20.58 -4.57 7.70
CA ASN B 313 -21.83 -4.79 6.98
C ASN B 313 -22.37 -3.42 6.56
N PRO B 314 -23.48 -3.38 5.79
CA PRO B 314 -23.95 -2.03 5.41
C PRO B 314 -24.15 -1.09 6.59
N ALA B 315 -24.74 -1.57 7.68
CA ALA B 315 -25.02 -0.68 8.82
C ALA B 315 -23.73 -0.05 9.35
N ILE B 316 -22.69 -0.87 9.47
CA ILE B 316 -21.43 -0.43 10.02
C ILE B 316 -20.75 0.55 9.08
N ARG B 317 -20.88 0.31 7.77
CA ARG B 317 -20.29 1.23 6.80
C ARG B 317 -20.94 2.60 6.97
N ASN B 318 -22.23 2.62 7.27
CA ASN B 318 -22.93 3.88 7.56
C ASN B 318 -22.42 4.48 8.88
N LEU B 319 -22.24 3.65 9.90
CA LEU B 319 -21.78 4.20 11.16
C LEU B 319 -20.39 4.86 11.00
N ILE B 320 -19.52 4.27 10.18
CA ILE B 320 -18.18 4.83 10.03
C ILE B 320 -18.26 6.19 9.37
N ARG B 321 -18.97 6.25 8.24
CA ARG B 321 -19.07 7.48 7.45
C ARG B 321 -19.71 8.62 8.24
N GLU B 322 -20.79 8.32 8.97
CA GLU B 322 -21.55 9.34 9.68
C GLU B 322 -20.97 9.63 11.09
N ASP B 323 -19.75 9.15 11.34
CA ASP B 323 -18.99 9.41 12.56
C ASP B 323 -19.70 8.98 13.85
N LYS B 324 -20.25 7.76 13.85
CA LYS B 324 -20.90 7.21 15.04
C LYS B 324 -20.13 5.96 15.46
N ILE B 325 -18.80 6.09 15.43
CA ILE B 325 -17.90 4.93 15.46
C ILE B 325 -18.08 4.04 16.69
N HIS B 326 -18.30 4.63 17.86
CA HIS B 326 -18.58 3.87 19.08
C HIS B 326 -19.74 2.84 18.97
N GLN B 327 -20.76 3.18 18.18
CA GLN B 327 -21.96 2.33 18.05
C GLN B 327 -21.75 1.07 17.21
N ILE B 328 -20.57 0.94 16.61
CA ILE B 328 -20.20 -0.23 15.82
C ILE B 328 -20.18 -1.50 16.69
N TYR B 329 -19.77 -1.30 17.94
CA TYR B 329 -19.60 -2.40 18.89
C TYR B 329 -20.86 -3.23 19.03
N SER B 330 -22.00 -2.56 19.16
CA SER B 330 -23.31 -3.24 19.23
C SER B 330 -23.56 -4.16 18.04
N GLN B 331 -23.16 -3.72 16.84
CA GLN B 331 -23.27 -4.53 15.64
C GLN B 331 -22.38 -5.76 15.69
N MET B 332 -21.34 -5.72 16.50
CA MET B 332 -20.44 -6.85 16.61
C MET B 332 -21.01 -7.88 17.57
N GLN B 333 -21.80 -7.40 18.53
CA GLN B 333 -22.43 -8.27 19.52
C GLN B 333 -23.40 -9.27 18.87
N VAL B 334 -24.29 -8.75 18.03
CA VAL B 334 -25.32 -9.57 17.41
C VAL B 334 -24.89 -10.20 16.08
N GLY B 335 -23.64 -9.95 15.67
CA GLY B 335 -23.23 -10.31 14.34
C GLY B 335 -22.41 -11.58 14.19
N GLN B 336 -22.37 -12.42 15.21
CA GLN B 336 -21.40 -13.51 15.19
C GLN B 336 -21.72 -14.66 14.21
N GLU B 337 -22.98 -15.08 14.15
CA GLU B 337 -23.23 -16.33 13.44
C GLU B 337 -23.46 -16.18 11.92
N LYS B 338 -24.06 -15.09 11.46
CA LYS B 338 -24.19 -14.95 10.01
C LYS B 338 -23.01 -14.24 9.34
N PHE B 339 -22.23 -13.46 10.10
CA PHE B 339 -21.09 -12.73 9.49
C PHE B 339 -19.71 -13.12 10.04
N GLY B 340 -19.66 -13.70 11.25
CA GLY B 340 -18.40 -14.13 11.83
C GLY B 340 -17.79 -13.15 12.83
N MET B 341 -18.50 -12.07 13.12
CA MET B 341 -18.01 -11.06 14.04
C MET B 341 -17.91 -11.61 15.45
N GLN B 342 -17.06 -11.02 16.29
CA GLN B 342 -16.96 -11.41 17.68
C GLN B 342 -16.21 -10.35 18.47
N THR B 343 -16.83 -9.90 19.56
CA THR B 343 -16.20 -8.95 20.44
C THR B 343 -15.13 -9.65 21.26
N MET B 344 -14.19 -8.86 21.75
CA MET B 344 -13.17 -9.33 22.67
C MET B 344 -13.79 -9.99 23.91
N ASN B 345 -14.86 -9.40 24.45
CA ASN B 345 -15.51 -10.02 25.58
C ASN B 345 -16.05 -11.42 25.20
N GLN B 346 -16.65 -11.54 24.01
CA GLN B 346 -17.14 -12.83 23.52
C GLN B 346 -16.00 -13.83 23.32
N SER B 347 -14.82 -13.33 22.94
CA SER B 347 -13.66 -14.22 22.86
C SER B 347 -13.18 -14.66 24.25
N LEU B 348 -13.05 -13.70 25.17
CA LEU B 348 -12.71 -13.99 26.57
C LEU B 348 -13.70 -14.96 27.22
N PHE B 349 -15.00 -14.71 26.96
CA PHE B 349 -16.08 -15.56 27.47
C PHE B 349 -15.90 -16.98 26.96
N SER B 350 -15.57 -17.08 25.68
CA SER B 350 -15.34 -18.35 25.02
C SER B 350 -14.18 -19.07 25.72
N LEU B 351 -13.07 -18.34 25.89
CA LEU B 351 -11.89 -18.86 26.53
C LEU B 351 -12.14 -19.39 27.95
N LEU B 352 -13.03 -18.72 28.66
CA LEU B 352 -13.37 -19.14 30.01
C LEU B 352 -14.23 -20.43 30.06
N GLN B 353 -15.15 -20.61 29.10
CA GLN B 353 -15.96 -21.82 29.04
C GLN B 353 -15.08 -23.05 28.80
N LYS B 354 -14.07 -22.86 27.97
CA LYS B 354 -13.13 -23.92 27.63
C LYS B 354 -11.96 -23.99 28.63
N ARG B 355 -11.96 -23.10 29.61
CA ARG B 355 -10.96 -23.09 30.67
C ARG B 355 -9.52 -22.95 30.13
N ARG B 356 -9.33 -22.04 29.18
CA ARG B 356 -8.01 -21.84 28.62
C ARG B 356 -7.28 -20.70 29.33
N ILE B 357 -8.02 -19.82 29.99
CA ILE B 357 -7.46 -18.68 30.73
C ILE B 357 -8.18 -18.52 32.08
N SER B 358 -7.58 -17.79 33.00
CA SER B 358 -8.21 -17.61 34.32
C SER B 358 -9.18 -16.42 34.36
N LEU B 359 -10.12 -16.47 35.30
CA LEU B 359 -11.06 -15.37 35.50
C LEU B 359 -10.33 -14.01 35.66
N ASP B 360 -9.26 -14.01 36.45
CA ASP B 360 -8.45 -12.81 36.75
C ASP B 360 -7.85 -12.16 35.52
N VAL B 361 -7.24 -12.99 34.69
CA VAL B 361 -6.64 -12.53 33.45
C VAL B 361 -7.73 -12.01 32.54
N ALA B 362 -8.84 -12.76 32.46
CA ALA B 362 -9.94 -12.36 31.60
C ALA B 362 -10.50 -10.97 31.98
N MET B 363 -10.75 -10.76 33.27
CA MET B 363 -11.30 -9.48 33.76
C MET B 363 -10.31 -8.31 33.69
N ALA B 364 -9.02 -8.61 33.69
CA ALA B 364 -8.00 -7.59 33.58
C ALA B 364 -7.92 -7.11 32.15
N ARG B 365 -8.05 -8.03 31.21
CA ARG B 365 -7.90 -7.71 29.80
C ARG B 365 -9.17 -7.09 29.27
N SER B 366 -10.28 -7.39 29.94
CA SER B 366 -11.58 -6.92 29.51
C SER B 366 -11.69 -5.40 29.61
N SER B 367 -12.01 -4.79 28.46
CA SER B 367 -12.26 -3.36 28.38
C SER B 367 -13.67 -3.06 28.87
N ASP B 368 -14.38 -4.09 29.29
CA ASP B 368 -15.70 -3.93 29.89
C ASP B 368 -16.07 -5.13 30.81
N PRO B 369 -15.43 -5.19 31.98
CA PRO B 369 -15.61 -6.29 32.93
C PRO B 369 -17.07 -6.48 33.31
N ASP B 370 -17.82 -5.40 33.46
CA ASP B 370 -19.22 -5.52 33.84
C ASP B 370 -19.99 -6.40 32.86
N GLU B 371 -19.81 -6.15 31.57
CA GLU B 371 -20.49 -6.91 30.51
C GLU B 371 -20.07 -8.38 30.50
N LEU B 372 -18.77 -8.61 30.63
CA LEU B 372 -18.24 -9.96 30.75
C LEU B 372 -18.84 -10.65 31.96
N LYS B 373 -18.88 -9.96 33.11
CA LYS B 373 -19.54 -10.47 34.30
C LYS B 373 -20.98 -10.85 34.00
N GLN B 374 -21.65 -10.02 33.21
CA GLN B 374 -23.05 -10.26 32.86
C GLN B 374 -23.22 -11.45 31.92
N MET B 375 -22.32 -11.60 30.97
CA MET B 375 -22.35 -12.75 30.05
C MET B 375 -22.18 -14.04 30.83
N LEU B 376 -21.34 -13.96 31.86
CA LEU B 376 -21.00 -15.10 32.68
C LEU B 376 -22.18 -15.56 33.53
N ALA B 377 -23.00 -14.60 33.98
CA ALA B 377 -24.27 -14.90 34.67
C ALA B 377 -25.18 -15.70 33.74
N SER B 378 -24.94 -15.59 32.44
CA SER B 378 -25.52 -16.47 31.42
C SER B 378 -27.02 -16.30 31.35
#